data_5NQX
#
_entry.id   5NQX
#
_cell.length_a   94.850
_cell.length_b   114.900
_cell.length_c   160.340
_cell.angle_alpha   90.00
_cell.angle_beta   90.00
_cell.angle_gamma   90.00
#
_symmetry.space_group_name_H-M   'P 2 21 21'
#
_entity_poly.entity_id   1
_entity_poly.type   'polypeptide(L)'
_entity_poly.pdbx_seq_one_letter_code
;MVAADIGAGLADALTAPLDHKDKGLQSLTLDQSVRKNEKLKLAAQGAEKTYGNGDSLNTGKLKNDKVSRFDFIRQIEVDG
QLITLESGEFQVYKQSHSALTAFQTEQIQDSEHSGKMVAKRQFRIGDIAGEHTSFDKLPEGGRATYRGTAFGSDDAGGKL
TYTIDFAAKQGNGKIEHLKSPELNVDLAAADIKPDGKRHAVISGSVLYNQAEKGSYSLGIFGYYTKDTNNNLTLVKAQEV
AGSAEVKTVNGIRHIGLAAKQLEHHHHHH
;
_entity_poly.pdbx_strand_id   C,A,B,D,E
#
# COMPACT_ATOMS: atom_id res chain seq x y z
N ALA A 8 3.07 -11.80 13.71
CA ALA A 8 4.09 -11.15 14.52
C ALA A 8 4.20 -11.80 15.90
N GLY A 9 3.05 -12.12 16.49
CA GLY A 9 3.03 -12.77 17.78
C GLY A 9 2.95 -11.84 18.98
N LEU A 10 2.43 -10.62 18.81
CA LEU A 10 2.30 -9.71 19.94
C LEU A 10 1.23 -10.18 20.91
N ALA A 11 0.04 -10.48 20.40
CA ALA A 11 -1.02 -11.01 21.25
C ALA A 11 -0.61 -12.31 21.92
N ASP A 12 0.17 -13.14 21.22
CA ASP A 12 0.71 -14.34 21.84
C ASP A 12 1.72 -14.00 22.93
N ALA A 13 2.45 -12.89 22.77
CA ALA A 13 3.38 -12.48 23.81
C ALA A 13 2.66 -11.92 25.03
N LEU A 14 1.46 -11.36 24.83
CA LEU A 14 0.71 -10.80 25.96
C LEU A 14 -0.17 -11.83 26.65
N THR A 15 -0.66 -12.85 25.92
CA THR A 15 -1.63 -13.80 26.46
C THR A 15 -1.00 -15.15 26.79
N ALA A 16 -0.30 -15.77 25.83
CA ALA A 16 0.19 -17.12 26.03
C ALA A 16 1.24 -17.15 27.13
N PRO A 17 1.29 -18.21 27.93
CA PRO A 17 2.30 -18.29 28.99
C PRO A 17 3.67 -18.59 28.41
N LEU A 18 4.67 -18.51 29.28
CA LEU A 18 6.05 -18.71 28.87
C LEU A 18 6.29 -20.18 28.52
N ASP A 19 6.90 -20.41 27.36
CA ASP A 19 7.24 -21.76 26.91
C ASP A 19 8.75 -21.86 26.77
N HIS A 20 9.33 -22.90 27.36
CA HIS A 20 10.78 -23.05 27.37
C HIS A 20 11.36 -23.42 26.02
N LYS A 21 10.53 -23.76 25.03
CA LYS A 21 11.01 -24.13 23.71
C LYS A 21 10.99 -22.97 22.72
N ASP A 22 10.83 -21.74 23.20
CA ASP A 22 10.83 -20.57 22.33
C ASP A 22 12.27 -20.12 22.05
N LYS A 23 12.41 -19.26 21.04
CA LYS A 23 13.72 -18.79 20.61
C LYS A 23 14.08 -17.49 21.32
N GLY A 24 15.37 -17.14 21.23
CA GLY A 24 15.93 -15.92 21.79
C GLY A 24 15.64 -15.79 23.27
N LEU A 25 15.57 -14.54 23.74
CA LEU A 25 15.26 -14.29 25.14
C LEU A 25 13.78 -14.55 25.40
N GLN A 26 13.50 -15.26 26.49
CA GLN A 26 12.18 -15.78 26.78
C GLN A 26 11.40 -14.90 27.76
N SER A 27 12.00 -14.59 28.90
CA SER A 27 11.39 -13.79 29.95
C SER A 27 12.09 -12.44 30.05
N LEU A 28 11.31 -11.39 30.27
CA LEU A 28 11.86 -10.03 30.43
C LEU A 28 11.26 -9.42 31.68
N THR A 29 12.04 -9.37 32.76
CA THR A 29 11.55 -8.83 34.02
C THR A 29 11.38 -7.32 33.91
N LEU A 30 10.16 -6.86 34.20
CA LEU A 30 9.83 -5.44 34.17
C LEU A 30 10.08 -4.84 35.55
N ASP A 31 11.15 -4.06 35.68
CA ASP A 31 11.49 -3.42 36.95
C ASP A 31 11.52 -1.90 36.81
N GLN A 32 12.32 -1.36 35.88
CA GLN A 32 12.37 0.08 35.67
C GLN A 32 11.19 0.60 34.88
N SER A 33 10.53 -0.25 34.11
CA SER A 33 9.37 0.20 33.33
C SER A 33 8.13 0.38 34.20
N VAL A 34 7.98 -0.43 35.25
CA VAL A 34 6.83 -0.37 36.14
C VAL A 34 7.36 -0.32 37.57
N ARG A 35 7.14 0.81 38.24
CA ARG A 35 7.52 0.92 39.64
C ARG A 35 6.50 0.18 40.51
N LYS A 36 6.89 -0.07 41.77
CA LYS A 36 6.07 -0.87 42.67
C LYS A 36 4.73 -0.22 42.99
N ASN A 37 4.64 1.09 42.87
CA ASN A 37 3.40 1.80 43.19
C ASN A 37 2.47 1.93 41.99
N GLU A 38 2.95 1.72 40.77
CA GLU A 38 2.18 1.96 39.57
C GLU A 38 1.96 0.68 38.78
N LYS A 39 1.14 0.79 37.74
CA LYS A 39 0.80 -0.33 36.87
C LYS A 39 0.92 0.13 35.41
N LEU A 40 1.25 -0.82 34.54
CA LEU A 40 1.44 -0.54 33.12
C LEU A 40 0.56 -1.46 32.29
N LYS A 41 -0.26 -0.88 31.42
CA LYS A 41 -1.14 -1.63 30.53
C LYS A 41 -0.52 -1.69 29.13
N LEU A 42 -0.48 -2.89 28.55
CA LEU A 42 0.05 -3.09 27.22
C LEU A 42 -1.03 -3.69 26.33
N ALA A 43 -1.18 -3.15 25.12
CA ALA A 43 -2.21 -3.60 24.20
C ALA A 43 -1.64 -3.65 22.78
N ALA A 44 -1.98 -4.72 22.06
CA ALA A 44 -1.58 -4.91 20.68
C ALA A 44 -2.31 -6.12 20.12
N GLN A 45 -2.63 -6.07 18.82
CA GLN A 45 -3.28 -7.16 18.10
C GLN A 45 -4.52 -7.67 18.84
N GLY A 46 -5.33 -6.75 19.34
CA GLY A 46 -6.56 -7.11 20.00
C GLY A 46 -6.43 -7.66 21.40
N ALA A 47 -5.22 -7.62 21.99
CA ALA A 47 -5.01 -8.10 23.35
C ALA A 47 -4.53 -6.96 24.23
N GLU A 48 -4.73 -7.12 25.53
CA GLU A 48 -4.28 -6.14 26.53
C GLU A 48 -4.07 -6.84 27.86
N LYS A 49 -2.92 -6.60 28.48
CA LYS A 49 -2.59 -7.17 29.77
C LYS A 49 -2.03 -6.08 30.68
N THR A 50 -2.30 -6.23 31.97
CA THR A 50 -1.84 -5.29 32.99
C THR A 50 -0.67 -5.90 33.74
N TYR A 51 0.49 -5.27 33.62
CA TYR A 51 1.71 -5.71 34.30
C TYR A 51 2.00 -4.77 35.47
N GLY A 52 2.46 -5.34 36.56
CA GLY A 52 2.95 -4.61 37.72
C GLY A 52 4.45 -4.58 37.78
N ASN A 53 4.99 -4.43 38.99
CA ASN A 53 6.43 -4.44 39.19
C ASN A 53 6.90 -5.87 39.43
N GLY A 54 8.02 -6.22 38.81
CA GLY A 54 8.56 -7.56 38.89
C GLY A 54 7.93 -8.56 37.95
N ASP A 55 6.78 -8.25 37.36
CA ASP A 55 6.14 -9.16 36.43
C ASP A 55 6.99 -9.33 35.17
N SER A 56 6.93 -10.53 34.60
CA SER A 56 7.74 -10.88 33.46
C SER A 56 6.93 -10.75 32.17
N LEU A 57 7.58 -10.24 31.13
CA LEU A 57 7.01 -10.14 29.80
C LEU A 57 7.52 -11.31 28.96
N ASN A 58 6.59 -12.00 28.30
CA ASN A 58 6.92 -13.17 27.49
C ASN A 58 7.45 -12.70 26.13
N THR A 59 8.76 -12.49 26.06
CA THR A 59 9.39 -12.09 24.81
C THR A 59 9.73 -13.27 23.92
N GLY A 60 9.55 -14.50 24.40
CA GLY A 60 9.83 -15.67 23.57
C GLY A 60 8.98 -15.72 22.32
N LYS A 61 7.78 -15.13 22.37
CA LYS A 61 6.89 -15.11 21.22
C LYS A 61 7.21 -13.97 20.25
N LEU A 62 8.08 -13.05 20.63
CA LEU A 62 8.45 -11.93 19.78
C LEU A 62 9.57 -12.32 18.82
N LYS A 63 9.72 -11.52 17.77
CA LYS A 63 10.79 -11.75 16.79
C LYS A 63 12.10 -11.15 17.29
N ASN A 64 13.20 -11.82 16.97
CA ASN A 64 14.51 -11.38 17.40
C ASN A 64 15.05 -10.29 16.47
N ASP A 65 15.85 -9.40 17.05
CA ASP A 65 16.54 -8.35 16.30
C ASP A 65 15.56 -7.42 15.58
N LYS A 66 14.35 -7.26 16.11
CA LYS A 66 13.35 -6.37 15.56
C LYS A 66 12.67 -5.63 16.68
N VAL A 67 12.00 -4.53 16.33
CA VAL A 67 11.34 -3.67 17.30
C VAL A 67 9.86 -4.02 17.32
N SER A 68 9.42 -4.65 18.41
CA SER A 68 8.02 -4.98 18.61
C SER A 68 7.34 -3.81 19.33
N ARG A 69 6.26 -3.30 18.74
CA ARG A 69 5.62 -2.08 19.21
C ARG A 69 4.27 -2.40 19.84
N PHE A 70 4.00 -1.75 20.97
CA PHE A 70 2.76 -1.93 21.72
C PHE A 70 2.17 -0.56 22.03
N ASP A 71 0.98 -0.57 22.62
CA ASP A 71 0.35 0.63 23.14
C ASP A 71 0.34 0.53 24.65
N PHE A 72 1.05 1.44 25.31
CA PHE A 72 1.21 1.40 26.76
C PHE A 72 0.41 2.52 27.40
N ILE A 73 -0.08 2.24 28.61
CA ILE A 73 -0.78 3.21 29.44
C ILE A 73 -0.25 3.06 30.86
N ARG A 74 0.47 4.07 31.33
CA ARG A 74 1.06 4.06 32.66
C ARG A 74 0.07 4.69 33.63
N GLN A 75 -0.50 3.87 34.52
CA GLN A 75 -1.36 4.32 35.60
C GLN A 75 -0.61 4.21 36.92
N ILE A 76 -1.13 4.89 37.94
CA ILE A 76 -0.54 4.87 39.27
C ILE A 76 -1.61 4.52 40.29
N GLU A 77 -1.24 3.72 41.29
CA GLU A 77 -2.15 3.26 42.33
C GLU A 77 -2.03 4.20 43.53
N VAL A 78 -3.02 5.08 43.70
CA VAL A 78 -3.04 6.00 44.83
C VAL A 78 -4.18 5.59 45.76
N ASP A 79 -3.86 4.80 46.77
CA ASP A 79 -4.81 4.32 47.77
C ASP A 79 -5.94 3.51 47.14
N GLY A 80 -6.78 4.16 46.34
CA GLY A 80 -7.91 3.48 45.73
C GLY A 80 -7.70 3.08 44.29
N GLN A 81 -8.48 3.67 43.39
CA GLN A 81 -8.42 3.29 41.99
C GLN A 81 -7.17 3.86 41.33
N LEU A 82 -6.97 3.47 40.07
CA LEU A 82 -5.79 3.87 39.31
C LEU A 82 -6.04 5.16 38.55
N ILE A 83 -5.00 5.98 38.43
CA ILE A 83 -5.04 7.23 37.70
C ILE A 83 -4.01 7.18 36.58
N THR A 84 -4.46 7.43 35.36
CA THR A 84 -3.59 7.34 34.18
C THR A 84 -2.60 8.49 34.19
N LEU A 85 -1.30 8.16 34.26
CA LEU A 85 -0.24 9.14 34.20
C LEU A 85 0.29 9.36 32.78
N GLU A 86 0.32 8.31 31.97
CA GLU A 86 0.98 8.38 30.68
C GLU A 86 0.31 7.41 29.72
N SER A 87 0.58 7.60 28.43
CA SER A 87 0.12 6.67 27.39
C SER A 87 0.88 6.96 26.12
N GLY A 88 1.05 5.92 25.30
CA GLY A 88 1.76 6.06 24.04
C GLY A 88 2.18 4.72 23.46
N GLU A 89 3.37 4.67 22.87
CA GLU A 89 3.90 3.46 22.26
C GLU A 89 4.99 2.87 23.14
N PHE A 90 5.03 1.54 23.22
CA PHE A 90 5.97 0.81 24.06
C PHE A 90 6.78 -0.13 23.17
N GLN A 91 8.06 0.16 22.98
CA GLN A 91 8.90 -0.59 22.08
C GLN A 91 9.75 -1.61 22.84
N VAL A 92 9.93 -2.78 22.25
CA VAL A 92 10.71 -3.87 22.82
C VAL A 92 11.64 -4.40 21.75
N TYR A 93 12.95 -4.36 22.01
CA TYR A 93 13.96 -4.93 21.13
C TYR A 93 14.50 -6.20 21.77
N LYS A 94 14.43 -7.32 21.04
CA LYS A 94 14.78 -8.63 21.57
C LYS A 94 16.02 -9.18 20.90
N GLN A 95 16.92 -9.75 21.70
CA GLN A 95 18.07 -10.48 21.18
C GLN A 95 18.08 -11.87 21.80
N SER A 96 19.17 -12.62 21.59
CA SER A 96 19.23 -13.99 22.08
C SER A 96 19.45 -14.03 23.60
N HIS A 97 20.30 -13.14 24.12
CA HIS A 97 20.64 -13.16 25.55
C HIS A 97 20.30 -11.87 26.27
N SER A 98 19.70 -10.89 25.60
CA SER A 98 19.32 -9.64 26.25
C SER A 98 18.17 -9.01 25.51
N ALA A 99 17.48 -8.08 26.20
CA ALA A 99 16.38 -7.35 25.61
C ALA A 99 16.18 -6.06 26.39
N LEU A 100 15.67 -5.04 25.70
CA LEU A 100 15.45 -3.74 26.31
C LEU A 100 14.09 -3.21 25.85
N THR A 101 13.55 -2.29 26.65
CA THR A 101 12.26 -1.67 26.37
C THR A 101 12.44 -0.17 26.22
N ALA A 102 11.51 0.45 25.50
CA ALA A 102 11.52 1.88 25.26
C ALA A 102 10.11 2.41 25.33
N PHE A 103 9.99 3.65 25.81
CA PHE A 103 8.71 4.33 25.96
C PHE A 103 8.67 5.54 25.04
N GLN A 104 7.71 5.54 24.11
CA GLN A 104 7.47 6.69 23.23
C GLN A 104 6.22 7.38 23.77
N THR A 105 6.44 8.37 24.63
CA THR A 105 5.34 9.06 25.27
C THR A 105 4.61 9.96 24.29
N GLU A 106 3.30 9.78 24.18
CA GLU A 106 2.44 10.60 23.35
C GLU A 106 1.50 11.46 24.17
N GLN A 107 0.86 10.89 25.19
CA GLN A 107 -0.05 11.62 26.07
C GLN A 107 0.39 11.46 27.50
N ILE A 108 0.18 12.52 28.30
CA ILE A 108 0.49 12.52 29.72
C ILE A 108 -0.67 13.13 30.48
N GLN A 109 -0.53 13.22 31.79
CA GLN A 109 -1.59 13.70 32.67
C GLN A 109 -1.54 15.22 32.80
N ASP A 110 -2.71 15.83 32.88
CA ASP A 110 -2.81 17.27 33.07
C ASP A 110 -2.32 17.66 34.46
N SER A 111 -1.76 18.86 34.55
CA SER A 111 -1.26 19.37 35.82
C SER A 111 -1.27 20.90 35.85
N MET A 117 -5.82 15.20 30.15
CA MET A 117 -4.70 14.66 29.40
C MET A 117 -4.15 15.66 28.39
N VAL A 118 -2.85 15.96 28.50
CA VAL A 118 -2.17 16.92 27.64
C VAL A 118 -1.21 16.15 26.74
N ALA A 119 -1.08 16.60 25.49
CA ALA A 119 -0.24 15.93 24.52
C ALA A 119 1.21 16.41 24.65
N LYS A 120 2.10 15.51 25.01
CA LYS A 120 3.53 15.77 25.09
C LYS A 120 4.28 14.53 24.63
N ARG A 121 5.27 14.72 23.76
CA ARG A 121 6.01 13.62 23.16
C ARG A 121 7.36 13.46 23.84
N GLN A 122 7.69 12.23 24.23
CA GLN A 122 8.97 11.92 24.85
C GLN A 122 9.46 10.56 24.35
N PHE A 123 10.70 10.24 24.70
CA PHE A 123 11.28 8.95 24.35
C PHE A 123 12.29 8.59 25.43
N ARG A 124 11.96 7.59 26.25
CA ARG A 124 12.78 7.23 27.40
C ARG A 124 12.98 5.72 27.45
N ILE A 125 14.23 5.29 27.58
CA ILE A 125 14.54 3.86 27.62
C ILE A 125 14.08 3.27 28.95
N GLY A 126 13.40 2.13 28.88
CA GLY A 126 12.93 1.45 30.07
C GLY A 126 13.89 0.41 30.60
N ASP A 127 13.40 -0.81 30.82
CA ASP A 127 14.25 -1.88 31.34
C ASP A 127 15.26 -2.33 30.30
N ILE A 128 16.41 -2.78 30.78
CA ILE A 128 17.45 -3.41 29.96
C ILE A 128 17.89 -4.65 30.73
N ALA A 129 17.39 -5.82 30.36
CA ALA A 129 17.61 -7.03 31.12
C ALA A 129 18.16 -8.13 30.20
N GLY A 130 18.49 -9.26 30.80
CA GLY A 130 19.05 -10.38 30.08
C GLY A 130 19.95 -11.19 31.00
N GLU A 131 20.85 -11.96 30.38
CA GLU A 131 21.81 -12.78 31.11
C GLU A 131 23.10 -11.98 31.22
N HIS A 132 23.25 -11.27 32.34
CA HIS A 132 24.42 -10.42 32.53
C HIS A 132 25.68 -11.26 32.66
N THR A 133 26.76 -10.78 32.04
CA THR A 133 28.07 -11.39 32.17
C THR A 133 28.72 -10.84 33.42
N SER A 134 29.11 -11.73 34.32
CA SER A 134 29.77 -11.30 35.55
C SER A 134 31.13 -10.69 35.23
N PHE A 135 31.45 -9.57 35.89
CA PHE A 135 32.72 -8.91 35.65
C PHE A 135 33.89 -9.79 36.07
N ASP A 136 33.67 -10.68 37.04
CA ASP A 136 34.72 -11.59 37.50
C ASP A 136 34.94 -12.77 36.56
N LYS A 137 34.01 -13.00 35.62
CA LYS A 137 34.09 -14.13 34.70
C LYS A 137 34.33 -13.70 33.26
N LEU A 138 34.78 -12.46 33.04
CA LEU A 138 35.00 -11.97 31.69
C LEU A 138 36.17 -12.71 31.03
N PRO A 139 36.14 -12.84 29.69
CA PRO A 139 37.31 -13.38 28.99
C PRO A 139 38.50 -12.46 29.17
N GLU A 140 39.67 -13.06 29.35
CA GLU A 140 40.89 -12.31 29.65
C GLU A 140 41.66 -11.86 28.42
N GLY A 141 41.13 -12.09 27.22
CA GLY A 141 41.81 -11.65 26.02
C GLY A 141 40.91 -11.76 24.80
N GLY A 142 41.37 -11.17 23.71
CA GLY A 142 40.66 -11.25 22.46
C GLY A 142 39.84 -10.00 22.18
N ARG A 143 39.63 -9.73 20.90
CA ARG A 143 38.80 -8.62 20.44
C ARG A 143 37.47 -9.16 19.93
N ALA A 144 36.38 -8.48 20.27
CA ALA A 144 35.06 -8.88 19.83
C ALA A 144 34.33 -7.68 19.26
N THR A 145 33.83 -7.82 18.04
CA THR A 145 33.09 -6.77 17.37
C THR A 145 31.61 -7.13 17.38
N TYR A 146 30.78 -6.23 17.92
CA TYR A 146 29.34 -6.42 18.00
C TYR A 146 28.66 -5.43 17.06
N ARG A 147 27.71 -5.91 16.28
CA ARG A 147 26.91 -5.08 15.40
C ARG A 147 25.44 -5.31 15.68
N GLY A 148 24.66 -4.25 15.54
CA GLY A 148 23.24 -4.31 15.84
C GLY A 148 22.47 -3.06 15.50
N THR A 149 21.36 -2.84 16.19
CA THR A 149 20.46 -1.73 15.94
C THR A 149 20.58 -0.67 17.03
N ALA A 150 20.62 0.59 16.61
CA ALA A 150 20.47 1.74 17.48
C ALA A 150 19.23 2.50 17.03
N PHE A 151 18.26 2.66 17.94
CA PHE A 151 16.97 3.21 17.60
C PHE A 151 16.63 4.37 18.53
N GLY A 152 16.08 5.44 17.95
CA GLY A 152 15.65 6.59 18.72
C GLY A 152 14.16 6.86 18.56
N SER A 153 13.76 8.11 18.75
CA SER A 153 12.35 8.47 18.61
C SER A 153 11.96 8.46 17.14
N ASP A 154 10.95 7.65 16.80
CA ASP A 154 10.41 7.55 15.45
C ASP A 154 11.46 7.14 14.43
N ASP A 155 12.53 6.48 14.86
CA ASP A 155 13.59 6.05 13.95
C ASP A 155 14.24 4.80 14.53
N ALA A 156 14.04 3.66 13.86
CA ALA A 156 14.64 2.40 14.27
C ALA A 156 15.71 1.92 13.30
N GLY A 157 16.11 2.77 12.35
CA GLY A 157 17.08 2.38 11.34
C GLY A 157 18.52 2.61 11.69
N GLY A 158 18.82 2.84 12.97
CA GLY A 158 20.19 3.06 13.39
C GLY A 158 21.00 1.78 13.38
N LYS A 159 22.26 1.89 12.98
CA LYS A 159 23.19 0.77 12.99
C LYS A 159 24.30 1.05 14.00
N LEU A 160 24.56 0.08 14.88
CA LEU A 160 25.55 0.20 15.93
C LEU A 160 26.69 -0.77 15.68
N THR A 161 27.93 -0.27 15.81
CA THR A 161 29.13 -1.09 15.69
C THR A 161 30.06 -0.77 16.85
N TYR A 162 30.12 -1.68 17.83
CA TYR A 162 30.88 -1.47 19.06
C TYR A 162 31.89 -2.60 19.23
N THR A 163 33.16 -2.25 19.37
CA THR A 163 34.24 -3.21 19.53
C THR A 163 34.73 -3.20 20.97
N ILE A 164 35.04 -4.38 21.50
CA ILE A 164 35.50 -4.56 22.87
C ILE A 164 36.84 -5.29 22.84
N ASP A 165 37.84 -4.70 23.47
CA ASP A 165 39.13 -5.34 23.71
C ASP A 165 39.16 -5.79 25.17
N PHE A 166 39.20 -7.11 25.39
CA PHE A 166 39.18 -7.66 26.73
C PHE A 166 40.56 -7.66 27.39
N ALA A 167 41.63 -7.58 26.59
CA ALA A 167 42.96 -7.48 27.17
C ALA A 167 43.15 -6.16 27.90
N ALA A 168 42.71 -5.06 27.29
CA ALA A 168 42.75 -3.75 27.94
C ALA A 168 41.44 -3.39 28.64
N LYS A 169 40.41 -4.22 28.48
CA LYS A 169 39.09 -3.96 29.07
C LYS A 169 38.56 -2.59 28.64
N GLN A 170 38.54 -2.36 27.33
CA GLN A 170 38.04 -1.12 26.76
C GLN A 170 37.08 -1.44 25.60
N GLY A 171 36.45 -0.40 25.08
CA GLY A 171 35.53 -0.58 23.97
C GLY A 171 35.12 0.74 23.34
N ASN A 172 35.01 0.76 22.01
CA ASN A 172 34.64 1.97 21.29
C ASN A 172 33.71 1.60 20.15
N GLY A 173 32.76 2.48 19.86
CA GLY A 173 31.72 2.18 18.90
C GLY A 173 31.41 3.35 17.98
N LYS A 174 30.41 3.13 17.13
CA LYS A 174 30.00 4.11 16.14
C LYS A 174 28.54 3.83 15.77
N ILE A 175 27.76 4.90 15.62
CA ILE A 175 26.35 4.83 15.26
C ILE A 175 26.17 5.48 13.89
N GLU A 176 25.39 4.84 13.03
CA GLU A 176 25.24 5.31 11.66
C GLU A 176 23.78 5.18 11.22
N HIS A 177 23.46 5.87 10.13
CA HIS A 177 22.19 5.73 9.41
C HIS A 177 20.99 6.16 10.24
N LEU A 178 21.19 7.11 11.15
CA LEU A 178 20.07 7.71 11.87
C LEU A 178 19.55 8.92 11.10
N LYS A 179 18.24 9.16 11.19
CA LYS A 179 17.63 10.27 10.47
C LYS A 179 18.16 11.60 10.95
N SER A 180 18.31 11.77 12.26
CA SER A 180 18.87 12.99 12.83
C SER A 180 20.38 12.99 12.63
N PRO A 181 20.95 13.98 11.94
CA PRO A 181 22.40 13.96 11.70
C PRO A 181 23.21 14.14 12.97
N GLU A 182 22.67 14.81 13.97
CA GLU A 182 23.38 15.03 15.23
C GLU A 182 23.47 13.78 16.09
N LEU A 183 22.74 12.71 15.74
CA LEU A 183 22.74 11.49 16.54
C LEU A 183 23.70 10.42 16.02
N ASN A 184 24.24 10.57 14.82
CA ASN A 184 25.23 9.63 14.30
C ASN A 184 26.58 9.99 14.93
N VAL A 185 26.86 9.40 16.08
CA VAL A 185 27.97 9.78 16.92
C VAL A 185 28.94 8.61 17.07
N ASP A 186 30.11 8.90 17.61
CA ASP A 186 31.10 7.89 17.96
C ASP A 186 31.11 7.71 19.47
N LEU A 187 31.08 6.46 19.91
CA LEU A 187 31.10 6.13 21.33
C LEU A 187 32.56 6.11 21.79
N ALA A 188 32.92 7.06 22.66
CA ALA A 188 34.30 7.17 23.11
C ALA A 188 34.74 5.92 23.85
N ALA A 189 36.02 5.61 23.75
CA ALA A 189 36.57 4.43 24.41
C ALA A 189 36.41 4.55 25.92
N ALA A 190 35.83 3.53 26.53
CA ALA A 190 35.59 3.53 27.95
C ALA A 190 36.00 2.18 28.54
N ASP A 191 36.34 2.19 29.82
CA ASP A 191 36.81 0.99 30.49
C ASP A 191 35.64 0.10 30.91
N ILE A 192 35.90 -1.19 31.03
CA ILE A 192 34.92 -2.15 31.52
C ILE A 192 35.01 -2.16 33.03
N LYS A 193 33.89 -1.91 33.69
CA LYS A 193 33.83 -1.83 35.15
C LYS A 193 32.65 -2.64 35.65
N PRO A 194 32.70 -3.08 36.91
CA PRO A 194 31.53 -3.72 37.52
C PRO A 194 30.59 -2.72 38.16
N ASP A 195 29.32 -3.09 38.22
CA ASP A 195 28.30 -2.27 38.85
C ASP A 195 28.05 -2.77 40.27
N GLY A 196 26.88 -2.45 40.82
CA GLY A 196 26.57 -2.89 42.17
C GLY A 196 26.45 -4.39 42.28
N LYS A 197 25.80 -5.03 41.31
CA LYS A 197 25.65 -6.48 41.27
C LYS A 197 26.80 -7.16 40.55
N ARG A 198 27.89 -6.43 40.28
CA ARG A 198 29.09 -6.98 39.67
C ARG A 198 28.83 -7.54 38.27
N HIS A 199 27.96 -6.86 37.53
CA HIS A 199 27.77 -7.12 36.11
C HIS A 199 28.79 -6.33 35.31
N ALA A 200 29.13 -6.82 34.13
CA ALA A 200 30.09 -6.14 33.26
C ALA A 200 29.37 -4.99 32.56
N VAL A 201 29.68 -3.76 32.97
CA VAL A 201 29.07 -2.57 32.40
C VAL A 201 30.17 -1.62 31.91
N ILE A 202 29.79 -0.75 30.99
CA ILE A 202 30.70 0.23 30.39
C ILE A 202 30.00 1.58 30.37
N SER A 203 30.67 2.60 30.89
CA SER A 203 30.16 3.96 30.90
C SER A 203 31.18 4.87 30.25
N GLY A 204 30.77 5.57 29.18
CA GLY A 204 31.68 6.41 28.44
C GLY A 204 31.01 7.64 27.89
N SER A 205 31.79 8.45 27.18
CA SER A 205 31.32 9.69 26.59
C SER A 205 30.86 9.48 25.15
N VAL A 206 30.05 10.42 24.67
CA VAL A 206 29.53 10.42 23.32
C VAL A 206 30.10 11.64 22.59
N LEU A 207 30.81 11.39 21.49
CA LEU A 207 31.50 12.43 20.74
C LEU A 207 30.89 12.57 19.35
N TYR A 208 30.80 13.81 18.88
CA TYR A 208 30.30 14.10 17.54
C TYR A 208 31.13 15.23 16.95
N ASN A 209 31.80 14.94 15.83
CA ASN A 209 32.71 15.90 15.18
C ASN A 209 33.77 16.39 16.16
N GLN A 210 34.40 15.44 16.85
CA GLN A 210 35.45 15.73 17.82
C GLN A 210 34.96 16.64 18.95
N ALA A 211 33.66 16.57 19.24
CA ALA A 211 33.07 17.38 20.30
C ALA A 211 32.31 16.49 21.26
N GLU A 212 32.55 16.66 22.56
CA GLU A 212 31.89 15.87 23.59
C GLU A 212 30.42 16.25 23.65
N LYS A 213 29.55 15.32 23.22
CA LYS A 213 28.13 15.62 23.09
C LYS A 213 27.24 14.88 24.08
N GLY A 214 27.71 13.79 24.68
CA GLY A 214 26.85 13.08 25.62
C GLY A 214 27.51 11.95 26.38
N SER A 215 26.72 10.92 26.69
CA SER A 215 27.20 9.76 27.43
C SER A 215 26.53 8.51 26.87
N TYR A 216 27.12 7.36 27.19
CA TYR A 216 26.55 6.08 26.77
C TYR A 216 26.95 5.01 27.78
N SER A 217 26.05 4.05 27.97
CA SER A 217 26.28 2.94 28.88
C SER A 217 25.82 1.65 28.22
N LEU A 218 26.68 0.64 28.25
CA LEU A 218 26.40 -0.65 27.63
C LEU A 218 26.63 -1.76 28.63
N GLY A 219 25.69 -2.69 28.70
CA GLY A 219 25.83 -3.88 29.52
C GLY A 219 26.25 -5.06 28.66
N ILE A 220 27.07 -5.94 29.25
CA ILE A 220 27.59 -7.11 28.55
C ILE A 220 26.76 -8.32 28.93
N PHE A 221 26.36 -9.09 27.92
CA PHE A 221 25.47 -10.23 28.10
C PHE A 221 26.01 -11.44 27.35
N GLY A 222 25.83 -12.61 27.94
CA GLY A 222 26.32 -13.83 27.34
C GLY A 222 26.02 -15.01 28.25
N TYR A 223 26.34 -16.20 27.75
CA TYR A 223 26.11 -17.45 28.47
C TYR A 223 27.41 -17.96 29.08
N TYR A 224 27.27 -18.99 29.91
CA TYR A 224 28.41 -19.66 30.53
C TYR A 224 28.01 -21.07 30.91
N THR A 225 29.02 -21.91 31.14
CA THR A 225 28.82 -23.31 31.45
C THR A 225 29.76 -23.72 32.58
N LYS A 226 29.35 -24.74 33.32
CA LYS A 226 30.19 -25.33 34.35
C LYS A 226 30.44 -26.80 34.02
N ASP A 227 31.53 -27.33 34.57
CA ASP A 227 31.90 -28.72 34.34
C ASP A 227 31.13 -29.60 35.33
N THR A 228 31.56 -30.85 35.47
CA THR A 228 30.88 -31.80 36.35
C THR A 228 31.10 -31.48 37.83
N ASN A 229 32.12 -30.70 38.18
CA ASN A 229 32.49 -30.46 39.57
C ASN A 229 32.43 -28.97 39.91
N ASN A 230 31.39 -28.29 39.44
CA ASN A 230 31.14 -26.88 39.76
C ASN A 230 32.40 -26.02 39.60
N ASN A 231 32.98 -26.09 38.41
CA ASN A 231 34.15 -25.31 38.05
C ASN A 231 33.85 -24.62 36.73
N LEU A 232 34.18 -23.33 36.65
CA LEU A 232 33.90 -22.58 35.44
C LEU A 232 34.78 -23.07 34.30
N THR A 233 34.16 -23.33 33.16
CA THR A 233 34.86 -23.86 31.99
C THR A 233 34.65 -23.01 30.75
N LEU A 234 33.42 -22.59 30.44
CA LEU A 234 33.13 -21.85 29.23
C LEU A 234 32.40 -20.57 29.57
N VAL A 235 32.87 -19.46 28.99
CA VAL A 235 32.24 -18.15 29.14
C VAL A 235 32.31 -17.43 27.80
N LYS A 236 31.18 -16.89 27.35
CA LYS A 236 31.15 -16.07 26.16
C LYS A 236 30.36 -14.80 26.45
N ALA A 237 30.82 -13.68 25.89
CA ALA A 237 30.13 -12.40 25.96
C ALA A 237 29.67 -12.10 24.53
N GLN A 238 28.45 -12.50 24.22
CA GLN A 238 27.97 -12.49 22.84
C GLN A 238 27.17 -11.24 22.48
N GLU A 239 26.65 -10.51 23.46
CA GLU A 239 25.80 -9.37 23.17
C GLU A 239 26.14 -8.21 24.10
N VAL A 240 25.73 -7.01 23.67
CA VAL A 240 25.81 -5.80 24.47
C VAL A 240 24.55 -4.99 24.24
N ALA A 241 24.05 -4.36 25.31
CA ALA A 241 22.82 -3.60 25.20
C ALA A 241 22.83 -2.46 26.21
N GLY A 242 22.50 -1.26 25.75
CA GLY A 242 22.50 -0.10 26.61
C GLY A 242 21.77 1.08 26.02
N SER A 243 22.16 2.28 26.43
CA SER A 243 21.51 3.50 25.98
C SER A 243 22.53 4.62 25.90
N ALA A 244 22.11 5.73 25.31
CA ALA A 244 22.98 6.89 25.15
C ALA A 244 22.16 8.17 25.20
N GLU A 245 22.78 9.21 25.73
CA GLU A 245 22.19 10.55 25.79
C GLU A 245 23.07 11.49 24.98
N VAL A 246 22.50 12.07 23.94
CA VAL A 246 23.22 12.95 23.01
C VAL A 246 22.59 14.34 23.08
N LYS A 247 23.42 15.36 23.17
CA LYS A 247 22.96 16.75 23.18
C LYS A 247 22.79 17.24 21.75
N THR A 248 21.60 17.76 21.44
CA THR A 248 21.28 18.32 20.15
C THR A 248 20.79 19.76 20.32
N VAL A 249 20.73 20.47 19.19
CA VAL A 249 20.25 21.85 19.21
C VAL A 249 18.81 21.95 19.68
N ASN A 250 18.06 20.87 19.62
CA ASN A 250 16.68 20.83 20.09
C ASN A 250 16.55 20.20 21.47
N GLY A 251 17.66 19.95 22.16
CA GLY A 251 17.64 19.40 23.50
C GLY A 251 18.32 18.04 23.55
N ILE A 252 18.18 17.40 24.70
CA ILE A 252 18.79 16.09 24.93
C ILE A 252 17.91 15.01 24.34
N ARG A 253 18.52 14.07 23.62
CA ARG A 253 17.82 12.95 23.01
C ARG A 253 18.43 11.63 23.47
N HIS A 254 17.58 10.64 23.69
CA HIS A 254 18.00 9.31 24.11
C HIS A 254 17.95 8.33 22.94
N ILE A 255 18.88 7.38 22.95
CA ILE A 255 19.00 6.38 21.91
C ILE A 255 19.22 5.02 22.55
N GLY A 256 18.43 4.03 22.12
CA GLY A 256 18.62 2.65 22.57
C GLY A 256 19.62 1.92 21.68
N LEU A 257 20.49 1.14 22.32
CA LEU A 257 21.60 0.48 21.66
C LEU A 257 21.53 -1.02 21.92
N ALA A 258 21.66 -1.82 20.87
CA ALA A 258 21.75 -3.27 21.01
C ALA A 258 22.64 -3.82 19.91
N ALA A 259 23.48 -4.80 20.26
CA ALA A 259 24.40 -5.36 19.29
C ALA A 259 24.80 -6.76 19.72
N LYS A 260 25.14 -7.60 18.72
CA LYS A 260 25.53 -8.97 18.97
C LYS A 260 26.64 -9.34 18.01
N GLN A 261 27.17 -10.56 18.16
CA GLN A 261 28.16 -11.08 17.25
C GLN A 261 27.50 -11.84 16.11
N LEU A 262 28.25 -12.00 15.02
CA LEU A 262 27.78 -12.75 13.86
C LEU A 262 28.04 -14.25 14.03
N ALA B 8 15.12 -7.34 -26.84
CA ALA B 8 15.53 -5.99 -26.42
C ALA B 8 15.55 -5.89 -24.90
N GLY B 9 14.55 -6.47 -24.25
CA GLY B 9 14.47 -6.46 -22.80
C GLY B 9 13.69 -5.31 -22.20
N LEU B 10 12.77 -4.71 -22.95
CA LEU B 10 11.97 -3.61 -22.41
C LEU B 10 10.96 -4.13 -21.38
N ALA B 11 10.21 -5.16 -21.74
CA ALA B 11 9.26 -5.76 -20.81
C ALA B 11 9.95 -6.29 -19.58
N ASP B 12 11.18 -6.80 -19.72
CA ASP B 12 11.95 -7.20 -18.54
C ASP B 12 12.33 -6.00 -17.69
N ALA B 13 12.55 -4.84 -18.31
CA ALA B 13 12.85 -3.63 -17.56
C ALA B 13 11.62 -3.10 -16.84
N LEU B 14 10.42 -3.37 -17.38
CA LEU B 14 9.18 -2.91 -16.75
C LEU B 14 8.64 -3.86 -15.70
N THR B 15 8.87 -5.16 -15.82
CA THR B 15 8.26 -6.15 -14.95
C THR B 15 9.23 -6.72 -13.91
N ALA B 16 10.38 -7.22 -14.33
CA ALA B 16 11.27 -7.92 -13.42
C ALA B 16 11.81 -6.97 -12.35
N PRO B 17 12.00 -7.44 -11.13
CA PRO B 17 12.55 -6.57 -10.07
C PRO B 17 14.03 -6.33 -10.29
N LEU B 18 14.57 -5.41 -9.49
CA LEU B 18 15.96 -5.03 -9.61
C LEU B 18 16.88 -6.15 -9.14
N ASP B 19 17.87 -6.48 -9.95
CA ASP B 19 18.85 -7.51 -9.65
C ASP B 19 20.24 -6.87 -9.57
N HIS B 20 20.95 -7.15 -8.48
CA HIS B 20 22.24 -6.51 -8.24
C HIS B 20 23.34 -7.02 -9.16
N LYS B 21 23.10 -8.10 -9.90
CA LYS B 21 24.10 -8.65 -10.81
C LYS B 21 23.89 -8.20 -12.25
N ASP B 22 23.08 -7.17 -12.48
CA ASP B 22 22.87 -6.66 -13.82
C ASP B 22 23.97 -5.69 -14.21
N LYS B 23 24.19 -5.56 -15.51
CA LYS B 23 25.27 -4.73 -16.05
C LYS B 23 24.82 -3.27 -16.17
N GLY B 24 25.80 -2.37 -16.19
CA GLY B 24 25.54 -0.97 -16.39
C GLY B 24 24.85 -0.33 -15.19
N LEU B 25 24.07 0.72 -15.48
CA LEU B 25 23.32 1.39 -14.43
C LEU B 25 22.13 0.52 -14.01
N GLN B 26 21.93 0.43 -12.69
CA GLN B 26 20.98 -0.53 -12.13
C GLN B 26 19.63 0.11 -11.84
N SER B 27 19.62 1.17 -11.04
CA SER B 27 18.41 1.88 -10.65
C SER B 27 18.42 3.28 -11.21
N LEU B 28 17.25 3.77 -11.64
CA LEU B 28 17.12 5.14 -12.14
C LEU B 28 15.94 5.80 -11.42
N THR B 29 16.24 6.64 -10.43
CA THR B 29 15.20 7.31 -9.67
C THR B 29 14.50 8.35 -10.53
N LEU B 30 13.18 8.25 -10.64
CA LEU B 30 12.38 9.19 -11.42
C LEU B 30 11.96 10.35 -10.52
N ASP B 31 12.57 11.51 -10.72
CA ASP B 31 12.25 12.70 -9.93
C ASP B 31 11.74 13.84 -10.81
N GLN B 32 12.50 14.26 -11.81
CA GLN B 32 12.07 15.31 -12.72
C GLN B 32 11.09 14.81 -13.78
N SER B 33 11.09 13.50 -14.05
CA SER B 33 10.17 12.95 -15.05
C SER B 33 8.75 12.84 -14.53
N VAL B 34 8.58 12.62 -13.23
CA VAL B 34 7.26 12.49 -12.62
C VAL B 34 7.21 13.45 -11.44
N ARG B 35 6.38 14.47 -11.55
CA ARG B 35 6.20 15.38 -10.43
C ARG B 35 5.34 14.74 -9.34
N LYS B 36 5.39 15.33 -8.15
CA LYS B 36 4.74 14.73 -6.99
C LYS B 36 3.23 14.64 -7.13
N ASN B 37 2.62 15.51 -7.94
CA ASN B 37 1.18 15.52 -8.09
C ASN B 37 0.68 14.60 -9.19
N GLU B 38 1.55 14.16 -10.10
CA GLU B 38 1.13 13.41 -11.28
C GLU B 38 1.70 12.00 -11.25
N LYS B 39 1.26 11.19 -12.21
CA LYS B 39 1.67 9.81 -12.37
C LYS B 39 2.03 9.56 -13.83
N LEU B 40 2.95 8.63 -14.05
CA LEU B 40 3.46 8.35 -15.39
C LEU B 40 3.31 6.87 -15.72
N LYS B 41 2.68 6.58 -16.85
CA LYS B 41 2.51 5.22 -17.32
C LYS B 41 3.53 4.93 -18.42
N LEU B 42 4.21 3.80 -18.31
CA LEU B 42 5.18 3.36 -19.31
C LEU B 42 4.75 2.00 -19.86
N ALA B 43 4.76 1.86 -21.18
CA ALA B 43 4.31 0.63 -21.82
C ALA B 43 5.22 0.29 -22.99
N ALA B 44 5.55 -1.00 -23.11
CA ALA B 44 6.36 -1.50 -24.21
C ALA B 44 6.35 -3.03 -24.16
N GLN B 45 6.44 -3.63 -25.34
CA GLN B 45 6.51 -5.09 -25.50
C GLN B 45 5.41 -5.80 -24.72
N GLY B 46 4.19 -5.26 -24.82
CA GLY B 46 3.05 -5.88 -24.17
C GLY B 46 2.97 -5.68 -22.68
N ALA B 47 3.83 -4.85 -22.10
CA ALA B 47 3.83 -4.59 -20.67
C ALA B 47 3.53 -3.13 -20.41
N GLU B 48 3.05 -2.85 -19.19
CA GLU B 48 2.76 -1.48 -18.78
C GLU B 48 2.86 -1.39 -17.26
N LYS B 49 3.57 -0.38 -16.77
CA LYS B 49 3.73 -0.14 -15.35
C LYS B 49 3.49 1.34 -15.05
N THR B 50 2.93 1.60 -13.87
CA THR B 50 2.63 2.95 -13.42
C THR B 50 3.65 3.38 -12.37
N TYR B 51 4.44 4.39 -12.71
CA TYR B 51 5.45 4.95 -11.83
C TYR B 51 4.98 6.29 -11.28
N GLY B 52 5.27 6.55 -10.02
CA GLY B 52 5.04 7.84 -9.39
C GLY B 52 6.32 8.65 -9.28
N ASN B 53 6.35 9.55 -8.30
CA ASN B 53 7.54 10.33 -8.03
C ASN B 53 8.41 9.60 -7.02
N GLY B 54 9.72 9.62 -7.26
CA GLY B 54 10.64 8.89 -6.41
C GLY B 54 10.78 7.43 -6.74
N ASP B 55 9.87 6.86 -7.52
CA ASP B 55 9.96 5.45 -7.90
C ASP B 55 11.16 5.23 -8.81
N SER B 56 11.76 4.06 -8.68
CA SER B 56 12.96 3.72 -9.44
C SER B 56 12.61 2.87 -10.64
N LEU B 57 13.28 3.14 -11.76
CA LEU B 57 13.15 2.37 -12.98
C LEU B 57 14.32 1.40 -13.08
N ASN B 58 14.02 0.13 -13.35
CA ASN B 58 15.03 -0.92 -13.46
C ASN B 58 15.67 -0.84 -14.84
N THR B 59 16.74 -0.03 -14.95
CA THR B 59 17.46 0.11 -16.20
C THR B 59 18.49 -0.98 -16.42
N GLY B 60 18.71 -1.86 -15.44
CA GLY B 60 19.68 -2.93 -15.61
C GLY B 60 19.33 -3.85 -16.76
N LYS B 61 18.05 -3.97 -17.09
CA LYS B 61 17.61 -4.80 -18.19
C LYS B 61 17.71 -4.13 -19.56
N LEU B 62 17.97 -2.82 -19.60
CA LEU B 62 18.09 -2.12 -20.86
C LEU B 62 19.50 -2.24 -21.42
N LYS B 63 19.62 -1.97 -22.73
CA LYS B 63 20.92 -2.02 -23.38
C LYS B 63 21.67 -0.72 -23.17
N ASN B 64 22.99 -0.82 -23.02
CA ASN B 64 23.84 0.33 -22.77
C ASN B 64 24.17 1.05 -24.07
N ASP B 65 24.36 2.37 -23.97
CA ASP B 65 24.77 3.22 -25.08
C ASP B 65 23.78 3.19 -26.24
N LYS B 66 22.51 2.92 -25.94
CA LYS B 66 21.45 2.91 -26.95
C LYS B 66 20.21 3.57 -26.39
N VAL B 67 19.30 3.94 -27.29
CA VAL B 67 18.08 4.64 -26.93
C VAL B 67 16.95 3.61 -26.85
N SER B 68 16.49 3.33 -25.64
CA SER B 68 15.36 2.45 -25.40
C SER B 68 14.08 3.27 -25.42
N ARG B 69 13.13 2.90 -26.26
CA ARG B 69 11.93 3.70 -26.48
C ARG B 69 10.71 3.00 -25.89
N PHE B 70 9.86 3.79 -25.23
CA PHE B 70 8.63 3.32 -24.60
C PHE B 70 7.48 4.22 -25.04
N ASP B 71 6.27 3.85 -24.64
CA ASP B 71 5.08 4.68 -24.83
C ASP B 71 4.64 5.16 -23.46
N PHE B 72 4.68 6.48 -23.24
CA PHE B 72 4.38 7.08 -21.96
C PHE B 72 3.04 7.80 -22.00
N ILE B 73 2.37 7.83 -20.85
CA ILE B 73 1.11 8.54 -20.66
C ILE B 73 1.21 9.29 -19.33
N ARG B 74 1.28 10.61 -19.39
CA ARG B 74 1.37 11.44 -18.20
C ARG B 74 -0.04 11.81 -17.74
N GLN B 75 -0.49 11.21 -16.66
CA GLN B 75 -1.76 11.53 -16.01
C GLN B 75 -1.50 12.33 -14.75
N ILE B 76 -2.56 12.95 -14.23
CA ILE B 76 -2.48 13.74 -13.01
C ILE B 76 -3.56 13.23 -12.05
N GLU B 77 -3.21 13.18 -10.76
CA GLU B 77 -4.10 12.65 -9.74
C GLU B 77 -4.88 13.81 -9.13
N VAL B 78 -6.13 13.96 -9.55
CA VAL B 78 -7.04 14.98 -9.02
C VAL B 78 -8.14 14.26 -8.27
N ASP B 79 -8.02 14.19 -6.94
CA ASP B 79 -9.02 13.59 -6.05
C ASP B 79 -9.19 12.13 -6.42
N GLY B 80 -10.35 11.69 -6.89
CA GLY B 80 -10.62 10.28 -7.10
C GLY B 80 -9.85 9.62 -8.21
N GLN B 81 -10.06 10.06 -9.44
CA GLN B 81 -9.49 9.41 -10.61
C GLN B 81 -8.32 10.20 -11.18
N LEU B 82 -7.51 9.52 -11.98
CA LEU B 82 -6.43 10.15 -12.71
C LEU B 82 -6.96 10.79 -13.99
N ILE B 83 -6.36 11.90 -14.38
CA ILE B 83 -6.74 12.61 -15.59
C ILE B 83 -5.54 12.64 -16.54
N THR B 84 -5.75 12.13 -17.75
CA THR B 84 -4.67 12.04 -18.73
C THR B 84 -4.34 13.43 -19.26
N LEU B 85 -3.11 13.89 -19.00
CA LEU B 85 -2.64 15.17 -19.51
C LEU B 85 -1.84 15.05 -20.79
N GLU B 86 -1.07 13.99 -20.96
CA GLU B 86 -0.13 13.92 -22.06
C GLU B 86 0.10 12.46 -22.45
N SER B 87 0.66 12.26 -23.65
CA SER B 87 1.01 10.90 -24.09
C SER B 87 1.96 11.00 -25.28
N GLY B 88 2.79 9.97 -25.43
CA GLY B 88 3.74 9.93 -26.53
C GLY B 88 4.83 8.90 -26.34
N GLU B 89 6.05 9.22 -26.77
CA GLU B 89 7.19 8.32 -26.68
C GLU B 89 8.13 8.76 -25.57
N PHE B 90 8.69 7.78 -24.87
CA PHE B 90 9.56 8.01 -23.71
C PHE B 90 10.91 7.34 -23.98
N GLN B 91 11.94 8.15 -24.19
CA GLN B 91 13.26 7.66 -24.55
C GLN B 91 14.17 7.61 -23.32
N VAL B 92 14.98 6.55 -23.24
CA VAL B 92 15.91 6.34 -22.13
C VAL B 92 17.27 5.99 -22.71
N TYR B 93 18.29 6.77 -22.36
CA TYR B 93 19.65 6.49 -22.73
C TYR B 93 20.42 6.02 -21.50
N LYS B 94 21.02 4.84 -21.59
CA LYS B 94 21.67 4.19 -20.47
C LYS B 94 23.18 4.12 -20.68
N GLN B 95 23.93 4.45 -19.63
CA GLN B 95 25.37 4.24 -19.63
C GLN B 95 25.78 3.41 -18.41
N SER B 96 27.08 3.29 -18.17
CA SER B 96 27.53 2.45 -17.06
C SER B 96 27.27 3.10 -15.71
N HIS B 97 27.51 4.41 -15.60
CA HIS B 97 27.37 5.12 -14.34
C HIS B 97 26.38 6.27 -14.40
N SER B 98 25.70 6.48 -15.52
CA SER B 98 24.72 7.55 -15.63
C SER B 98 23.69 7.18 -16.68
N ALA B 99 22.54 7.85 -16.60
CA ALA B 99 21.47 7.63 -17.55
C ALA B 99 20.55 8.85 -17.54
N LEU B 100 19.91 9.10 -18.67
CA LEU B 100 18.99 10.23 -18.81
C LEU B 100 17.75 9.77 -19.56
N THR B 101 16.65 10.48 -19.35
CA THR B 101 15.38 10.20 -19.99
C THR B 101 14.91 11.41 -20.80
N ALA B 102 14.06 11.14 -21.79
CA ALA B 102 13.53 12.19 -22.64
C ALA B 102 12.07 11.92 -22.95
N PHE B 103 11.30 13.00 -23.13
CA PHE B 103 9.88 12.93 -23.43
C PHE B 103 9.62 13.49 -24.82
N GLN B 104 9.10 12.66 -25.71
CA GLN B 104 8.68 13.05 -27.05
C GLN B 104 7.14 13.10 -27.06
N THR B 105 6.60 14.28 -26.77
CA THR B 105 5.16 14.45 -26.67
C THR B 105 4.52 14.35 -28.05
N GLU B 106 3.53 13.46 -28.18
CA GLU B 106 2.79 13.30 -29.42
C GLU B 106 1.35 13.76 -29.32
N GLN B 107 0.64 13.36 -28.26
CA GLN B 107 -0.76 13.74 -28.07
C GLN B 107 -0.95 14.39 -26.71
N ILE B 108 -1.87 15.36 -26.67
CA ILE B 108 -2.27 16.05 -25.45
C ILE B 108 -3.79 16.15 -25.45
N GLN B 109 -4.33 16.75 -24.40
CA GLN B 109 -5.77 16.91 -24.29
C GLN B 109 -6.21 18.22 -24.95
N ASP B 110 -7.36 18.18 -25.60
CA ASP B 110 -7.90 19.36 -26.27
C ASP B 110 -8.19 20.46 -25.25
N SER B 111 -7.68 21.66 -25.52
CA SER B 111 -7.85 22.77 -24.59
C SER B 111 -9.20 23.45 -24.73
N GLU B 112 -9.91 23.24 -25.84
CA GLU B 112 -11.19 23.89 -26.07
C GLU B 112 -12.37 22.95 -25.85
N HIS B 113 -12.12 21.68 -25.51
CA HIS B 113 -13.20 20.74 -25.22
C HIS B 113 -12.63 19.60 -24.38
N SER B 114 -13.31 19.29 -23.28
CA SER B 114 -12.83 18.26 -22.37
C SER B 114 -13.21 16.88 -22.87
N GLY B 115 -12.20 16.01 -23.00
CA GLY B 115 -12.40 14.65 -23.44
C GLY B 115 -11.88 14.31 -24.83
N LYS B 116 -11.04 15.16 -25.41
CA LYS B 116 -10.49 14.93 -26.74
C LYS B 116 -8.97 15.03 -26.68
N MET B 117 -8.32 14.51 -27.72
CA MET B 117 -6.86 14.47 -27.79
C MET B 117 -6.39 15.13 -29.07
N VAL B 118 -5.68 16.25 -28.93
CA VAL B 118 -5.10 16.98 -30.07
C VAL B 118 -3.63 16.59 -30.17
N ALA B 119 -3.14 16.46 -31.40
CA ALA B 119 -1.76 16.04 -31.66
C ALA B 119 -0.83 17.24 -31.62
N LYS B 120 0.13 17.23 -30.69
CA LYS B 120 1.17 18.24 -30.60
C LYS B 120 2.46 17.56 -30.19
N ARG B 121 3.54 17.84 -30.91
CA ARG B 121 4.82 17.16 -30.73
C ARG B 121 5.81 18.05 -30.01
N GLN B 122 6.48 17.50 -29.00
CA GLN B 122 7.54 18.18 -28.27
C GLN B 122 8.64 17.18 -27.93
N PHE B 123 9.76 17.69 -27.44
CA PHE B 123 10.87 16.86 -27.01
C PHE B 123 11.61 17.60 -25.90
N ARG B 124 11.53 17.10 -24.68
CA ARG B 124 12.21 17.75 -23.57
C ARG B 124 12.90 16.70 -22.71
N ILE B 125 14.09 17.02 -22.24
CA ILE B 125 14.90 16.08 -21.47
C ILE B 125 14.34 15.96 -20.07
N GLY B 126 14.18 14.72 -19.60
CA GLY B 126 13.67 14.47 -18.27
C GLY B 126 14.77 14.35 -17.23
N ASP B 127 14.75 13.27 -16.45
CA ASP B 127 15.76 13.07 -15.42
C ASP B 127 17.12 12.80 -16.03
N ILE B 128 18.17 13.20 -15.31
CA ILE B 128 19.54 12.89 -15.64
C ILE B 128 20.18 12.46 -14.32
N ALA B 129 20.32 11.16 -14.10
CA ALA B 129 20.77 10.66 -12.81
C ALA B 129 21.94 9.71 -13.01
N GLY B 130 22.49 9.24 -11.90
CA GLY B 130 23.64 8.36 -11.89
C GLY B 130 24.44 8.57 -10.61
N GLU B 131 25.71 8.16 -10.68
CA GLU B 131 26.66 8.33 -9.58
C GLU B 131 27.43 9.61 -9.84
N HIS B 132 26.95 10.70 -9.26
CA HIS B 132 27.56 12.00 -9.46
C HIS B 132 28.95 12.06 -8.84
N THR B 133 29.88 12.71 -9.54
CA THR B 133 31.22 12.92 -8.99
C THR B 133 31.22 14.17 -8.13
N SER B 134 31.63 14.03 -6.88
CA SER B 134 31.66 15.15 -5.96
C SER B 134 32.68 16.19 -6.43
N PHE B 135 32.29 17.47 -6.36
CA PHE B 135 33.19 18.55 -6.77
C PHE B 135 34.41 18.62 -5.87
N ASP B 136 34.26 18.20 -4.60
CA ASP B 136 35.37 18.19 -3.66
C ASP B 136 36.32 17.02 -3.86
N LYS B 137 35.91 16.00 -4.63
CA LYS B 137 36.72 14.81 -4.86
C LYS B 137 37.21 14.72 -6.30
N LEU B 138 37.17 15.82 -7.04
CA LEU B 138 37.58 15.80 -8.44
C LEU B 138 39.09 15.56 -8.56
N PRO B 139 39.52 14.92 -9.65
CA PRO B 139 40.96 14.83 -9.93
C PRO B 139 41.55 16.21 -10.19
N GLU B 140 42.75 16.43 -9.68
CA GLU B 140 43.40 17.74 -9.75
C GLU B 140 44.25 17.92 -10.99
N GLY B 141 44.25 16.96 -11.91
CA GLY B 141 45.03 17.12 -13.13
C GLY B 141 44.67 16.06 -14.15
N GLY B 142 45.16 16.27 -15.36
CA GLY B 142 44.98 15.33 -16.45
C GLY B 142 43.87 15.74 -17.40
N ARG B 143 44.00 15.33 -18.65
CA ARG B 143 43.00 15.57 -19.69
C ARG B 143 42.26 14.27 -19.99
N ALA B 144 40.94 14.39 -20.16
CA ALA B 144 40.09 13.24 -20.44
C ALA B 144 39.18 13.56 -21.62
N THR B 145 39.19 12.70 -22.64
CA THR B 145 38.34 12.88 -23.82
C THR B 145 37.18 11.89 -23.73
N TYR B 146 35.96 12.42 -23.81
CA TYR B 146 34.74 11.62 -23.74
C TYR B 146 34.04 11.64 -25.09
N ARG B 147 33.60 10.46 -25.54
CA ARG B 147 32.83 10.33 -26.76
C ARG B 147 31.54 9.59 -26.44
N GLY B 148 30.48 9.96 -27.15
CA GLY B 148 29.19 9.34 -26.91
C GLY B 148 28.16 9.79 -27.90
N THR B 149 26.90 9.69 -27.48
CA THR B 149 25.75 10.00 -28.32
C THR B 149 25.11 11.31 -27.90
N ALA B 150 24.77 12.12 -28.90
CA ALA B 150 23.93 13.29 -28.72
C ALA B 150 22.68 13.08 -29.58
N PHE B 151 21.51 13.09 -28.94
CA PHE B 151 20.27 12.73 -29.60
C PHE B 151 19.23 13.82 -29.39
N GLY B 152 18.51 14.14 -30.46
CA GLY B 152 17.44 15.13 -30.39
C GLY B 152 16.09 14.58 -30.78
N SER B 153 15.20 15.45 -31.25
CA SER B 153 13.88 15.04 -31.69
C SER B 153 13.97 14.29 -33.01
N ASP B 154 13.47 13.06 -33.03
CA ASP B 154 13.43 12.21 -34.22
C ASP B 154 14.82 11.94 -34.79
N ASP B 155 15.87 12.07 -33.98
CA ASP B 155 17.23 11.83 -34.46
C ASP B 155 18.07 11.39 -33.28
N ALA B 156 18.50 10.13 -33.29
CA ALA B 156 19.37 9.59 -32.24
C ALA B 156 20.78 9.31 -32.75
N GLY B 157 21.10 9.76 -33.96
CA GLY B 157 22.40 9.49 -34.55
C GLY B 157 23.45 10.54 -34.27
N GLY B 158 23.21 11.39 -33.27
CA GLY B 158 24.16 12.43 -32.96
C GLY B 158 25.39 11.87 -32.27
N LYS B 159 26.55 12.46 -32.58
CA LYS B 159 27.81 12.09 -31.95
C LYS B 159 28.32 13.27 -31.13
N LEU B 160 28.68 12.99 -29.87
CA LEU B 160 29.16 14.00 -28.95
C LEU B 160 30.61 13.72 -28.60
N THR B 161 31.45 14.74 -28.64
CA THR B 161 32.86 14.63 -28.25
C THR B 161 33.20 15.79 -27.33
N TYR B 162 33.32 15.50 -26.03
CA TYR B 162 33.54 16.52 -25.01
C TYR B 162 34.79 16.19 -24.22
N THR B 163 35.74 17.12 -24.18
CA THR B 163 37.00 16.96 -23.49
C THR B 163 37.03 17.83 -22.24
N ILE B 164 37.59 17.28 -21.16
CA ILE B 164 37.66 17.94 -19.86
C ILE B 164 39.12 17.98 -19.41
N ASP B 165 39.60 19.18 -19.08
CA ASP B 165 40.91 19.37 -18.46
C ASP B 165 40.67 19.59 -16.97
N PHE B 166 41.15 18.67 -16.14
CA PHE B 166 40.94 18.77 -14.70
C PHE B 166 41.95 19.66 -14.01
N ALA B 167 43.09 19.94 -14.65
CA ALA B 167 44.04 20.88 -14.05
C ALA B 167 43.47 22.29 -14.03
N ALA B 168 42.84 22.71 -15.12
CA ALA B 168 42.16 24.00 -15.17
C ALA B 168 40.66 23.92 -14.86
N LYS B 169 40.12 22.71 -14.70
CA LYS B 169 38.69 22.49 -14.46
C LYS B 169 37.85 23.13 -15.55
N GLN B 170 38.13 22.75 -16.79
CA GLN B 170 37.43 23.26 -17.96
C GLN B 170 36.99 22.11 -18.84
N GLY B 171 36.17 22.41 -19.84
CA GLY B 171 35.72 21.40 -20.77
C GLY B 171 35.00 21.96 -21.97
N ASN B 172 35.27 21.41 -23.15
CA ASN B 172 34.66 21.88 -24.39
C ASN B 172 34.35 20.68 -25.27
N GLY B 173 33.25 20.78 -26.02
CA GLY B 173 32.77 19.65 -26.79
C GLY B 173 32.32 20.05 -28.18
N LYS B 174 31.78 19.07 -28.90
CA LYS B 174 31.34 19.24 -30.27
C LYS B 174 30.30 18.18 -30.59
N ILE B 175 29.26 18.58 -31.32
CA ILE B 175 28.17 17.68 -31.72
C ILE B 175 28.19 17.57 -33.24
N GLU B 176 28.05 16.33 -33.74
CA GLU B 176 28.14 16.06 -35.16
C GLU B 176 27.07 15.06 -35.57
N HIS B 177 26.85 14.97 -36.90
CA HIS B 177 26.03 13.94 -37.52
C HIS B 177 24.56 14.02 -37.09
N LEU B 178 24.09 15.21 -36.76
CA LEU B 178 22.67 15.41 -36.52
C LEU B 178 21.96 15.78 -37.82
N LYS B 179 20.70 15.36 -37.92
CA LYS B 179 19.94 15.63 -39.14
C LYS B 179 19.71 17.12 -39.34
N SER B 180 19.38 17.84 -38.26
CA SER B 180 19.21 19.28 -38.34
C SER B 180 20.58 19.96 -38.40
N PRO B 181 20.88 20.72 -39.46
CA PRO B 181 22.21 21.33 -39.54
C PRO B 181 22.48 22.39 -38.49
N GLU B 182 21.43 23.07 -38.01
CA GLU B 182 21.61 24.10 -37.00
C GLU B 182 21.92 23.52 -35.63
N LEU B 183 21.81 22.21 -35.45
CA LEU B 183 22.06 21.56 -34.17
C LEU B 183 23.49 21.01 -34.07
N ASN B 184 24.24 20.97 -35.16
CA ASN B 184 25.64 20.58 -35.13
C ASN B 184 26.44 21.77 -34.63
N VAL B 185 26.59 21.87 -33.31
CA VAL B 185 27.13 23.06 -32.67
C VAL B 185 28.41 22.68 -31.91
N ASP B 186 29.13 23.70 -31.49
CA ASP B 186 30.31 23.54 -30.64
C ASP B 186 29.95 23.95 -29.22
N LEU B 187 30.30 23.10 -28.25
CA LEU B 187 30.05 23.39 -26.85
C LEU B 187 31.21 24.21 -26.33
N ALA B 188 30.94 25.47 -25.98
CA ALA B 188 32.01 26.37 -25.56
C ALA B 188 32.66 25.87 -24.28
N ALA B 189 33.96 26.12 -24.17
CA ALA B 189 34.70 25.69 -23.00
C ALA B 189 34.17 26.40 -21.77
N ALA B 190 33.82 25.63 -20.74
CA ALA B 190 33.23 26.17 -19.53
C ALA B 190 33.90 25.53 -18.31
N ASP B 191 33.83 26.25 -17.19
CA ASP B 191 34.47 25.80 -15.97
C ASP B 191 33.59 24.78 -15.23
N ILE B 192 34.26 23.94 -14.45
CA ILE B 192 33.58 22.97 -13.59
C ILE B 192 33.21 23.66 -12.29
N LYS B 193 31.95 23.58 -11.92
CA LYS B 193 31.43 24.21 -10.72
C LYS B 193 30.61 23.22 -9.93
N PRO B 194 30.48 23.42 -8.62
CA PRO B 194 29.56 22.61 -7.83
C PRO B 194 28.15 23.19 -7.83
N ASP B 195 27.18 22.29 -7.65
CA ASP B 195 25.78 22.66 -7.57
C ASP B 195 25.35 22.73 -6.10
N GLY B 196 24.06 22.60 -5.84
CA GLY B 196 23.58 22.63 -4.47
C GLY B 196 24.09 21.46 -3.64
N LYS B 197 24.06 20.27 -4.23
CA LYS B 197 24.56 19.06 -3.58
C LYS B 197 26.05 18.84 -3.83
N ARG B 198 26.75 19.84 -4.37
CA ARG B 198 28.19 19.79 -4.58
C ARG B 198 28.59 18.70 -5.57
N HIS B 199 27.79 18.52 -6.61
CA HIS B 199 28.15 17.66 -7.74
C HIS B 199 28.96 18.44 -8.75
N ALA B 200 29.79 17.72 -9.50
CA ALA B 200 30.62 18.33 -10.53
C ALA B 200 29.77 18.56 -11.76
N VAL B 201 29.43 19.82 -12.03
CA VAL B 201 28.58 20.18 -13.17
C VAL B 201 29.31 21.25 -13.99
N ILE B 202 28.89 21.36 -15.25
CA ILE B 202 29.46 22.32 -16.18
C ILE B 202 28.31 22.99 -16.93
N SER B 203 28.30 24.32 -16.93
CA SER B 203 27.30 25.10 -17.64
C SER B 203 28.02 26.08 -18.54
N GLY B 204 27.73 26.02 -19.85
CA GLY B 204 28.42 26.86 -20.81
C GLY B 204 27.51 27.26 -21.94
N SER B 205 28.08 28.01 -22.87
CA SER B 205 27.35 28.52 -24.02
C SER B 205 27.46 27.57 -25.21
N VAL B 206 26.53 27.71 -26.14
CA VAL B 206 26.49 26.92 -27.36
C VAL B 206 26.67 27.86 -28.54
N LEU B 207 27.70 27.62 -29.34
CA LEU B 207 28.08 28.48 -30.45
C LEU B 207 27.96 27.71 -31.76
N TYR B 208 27.49 28.39 -32.81
CA TYR B 208 27.39 27.79 -34.14
C TYR B 208 27.78 28.84 -35.18
N ASN B 209 28.85 28.56 -35.93
CA ASN B 209 29.40 29.48 -36.92
C ASN B 209 29.74 30.83 -36.28
N GLN B 210 30.46 30.78 -35.17
CA GLN B 210 30.90 31.96 -34.43
C GLN B 210 29.73 32.82 -33.96
N ALA B 211 28.58 32.18 -33.71
CA ALA B 211 27.39 32.88 -33.24
C ALA B 211 26.87 32.18 -31.98
N GLU B 212 26.61 32.97 -30.95
CA GLU B 212 26.11 32.43 -29.68
C GLU B 212 24.67 31.96 -29.88
N LYS B 213 24.46 30.65 -29.84
CA LYS B 213 23.15 30.08 -30.16
C LYS B 213 22.40 29.50 -28.98
N GLY B 214 23.08 29.12 -27.90
CA GLY B 214 22.34 28.52 -26.79
C GLY B 214 23.15 28.26 -25.54
N SER B 215 22.77 27.21 -24.81
CA SER B 215 23.44 26.84 -23.57
C SER B 215 23.50 25.32 -23.47
N TYR B 216 24.38 24.84 -22.59
CA TYR B 216 24.50 23.41 -22.36
C TYR B 216 24.99 23.16 -20.94
N SER B 217 24.53 22.05 -20.37
CA SER B 217 24.90 21.66 -19.01
C SER B 217 25.21 20.17 -19.00
N LEU B 218 26.35 19.81 -18.42
CA LEU B 218 26.79 18.42 -18.34
C LEU B 218 27.15 18.09 -16.90
N GLY B 219 26.70 16.93 -16.45
CA GLY B 219 27.08 16.41 -15.14
C GLY B 219 28.17 15.35 -15.29
N ILE B 220 29.08 15.33 -14.32
CA ILE B 220 30.21 14.41 -14.34
C ILE B 220 29.88 13.22 -13.44
N PHE B 221 30.11 12.01 -13.95
CA PHE B 221 29.76 10.78 -13.27
C PHE B 221 30.94 9.80 -13.30
N GLY B 222 31.10 9.05 -12.22
CA GLY B 222 32.20 8.11 -12.11
C GLY B 222 32.18 7.43 -10.76
N TYR B 223 33.10 6.47 -10.60
CA TYR B 223 33.20 5.71 -9.35
C TYR B 223 34.35 6.22 -8.49
N TYR B 224 34.40 5.70 -7.26
CA TYR B 224 35.44 6.04 -6.30
C TYR B 224 35.52 4.93 -5.26
N THR B 225 36.63 4.93 -4.51
CA THR B 225 36.90 3.92 -3.51
C THR B 225 37.42 4.58 -2.25
N LYS B 226 37.25 3.91 -1.12
CA LYS B 226 37.71 4.40 0.17
C LYS B 226 38.51 3.31 0.88
N ASP B 227 39.25 3.73 1.91
CA ASP B 227 40.09 2.83 2.68
C ASP B 227 39.35 2.34 3.92
N THR B 228 40.08 1.75 4.86
CA THR B 228 39.47 1.21 6.06
C THR B 228 38.98 2.31 6.99
N ASN B 229 39.85 3.27 7.31
CA ASN B 229 39.51 4.38 8.19
C ASN B 229 38.76 5.49 7.47
N ASN B 230 37.93 5.15 6.49
CA ASN B 230 37.12 6.12 5.73
C ASN B 230 38.01 7.17 5.07
N ASN B 231 38.95 6.69 4.26
CA ASN B 231 39.92 7.55 3.59
C ASN B 231 39.81 7.36 2.09
N LEU B 232 39.74 8.46 1.36
CA LEU B 232 39.60 8.41 -0.09
C LEU B 232 40.92 7.97 -0.74
N THR B 233 40.84 7.02 -1.67
CA THR B 233 42.02 6.48 -2.31
C THR B 233 41.99 6.58 -3.83
N LEU B 234 40.89 6.19 -4.47
CA LEU B 234 40.79 6.17 -5.92
C LEU B 234 39.55 6.92 -6.37
N VAL B 235 39.70 7.79 -7.36
CA VAL B 235 38.58 8.53 -7.93
C VAL B 235 38.75 8.58 -9.44
N LYS B 236 37.69 8.22 -10.17
CA LYS B 236 37.68 8.35 -11.62
C LYS B 236 36.36 8.99 -12.05
N ALA B 237 36.46 9.87 -13.04
CA ALA B 237 35.32 10.53 -13.67
C ALA B 237 35.23 10.00 -15.09
N GLN B 238 34.44 8.95 -15.28
CA GLN B 238 34.46 8.21 -16.54
C GLN B 238 33.40 8.66 -17.53
N GLU B 239 32.35 9.35 -17.08
CA GLU B 239 31.25 9.69 -17.97
C GLU B 239 30.78 11.11 -17.72
N VAL B 240 30.08 11.66 -18.72
CA VAL B 240 29.40 12.95 -18.61
C VAL B 240 28.05 12.82 -19.28
N ALA B 241 27.04 13.45 -18.70
CA ALA B 241 25.69 13.36 -19.24
C ALA B 241 24.91 14.63 -18.90
N GLY B 242 24.26 15.20 -19.90
CA GLY B 242 23.52 16.43 -19.71
C GLY B 242 22.59 16.76 -20.86
N SER B 243 22.31 18.05 -21.04
CA SER B 243 21.40 18.48 -22.08
C SER B 243 21.84 19.85 -22.60
N ALA B 244 21.23 20.28 -23.70
CA ALA B 244 21.56 21.56 -24.30
C ALA B 244 20.32 22.14 -24.95
N GLU B 245 20.23 23.47 -24.93
CA GLU B 245 19.16 24.19 -25.61
C GLU B 245 19.79 25.09 -26.66
N VAL B 246 19.41 24.88 -27.92
CA VAL B 246 19.98 25.61 -29.05
C VAL B 246 18.85 26.37 -29.73
N LYS B 247 19.10 27.64 -30.06
CA LYS B 247 18.13 28.46 -30.77
C LYS B 247 18.28 28.23 -32.27
N THR B 248 17.17 27.89 -32.91
CA THR B 248 17.13 27.68 -34.36
C THR B 248 16.06 28.57 -34.97
N VAL B 249 16.10 28.68 -36.30
CA VAL B 249 15.11 29.46 -37.03
C VAL B 249 13.71 28.90 -36.82
N ASN B 250 13.60 27.64 -36.42
CA ASN B 250 12.31 27.01 -36.16
C ASN B 250 11.98 26.97 -34.67
N GLY B 251 12.76 27.66 -33.83
CA GLY B 251 12.50 27.73 -32.40
C GLY B 251 13.61 27.09 -31.60
N ILE B 252 13.36 26.96 -30.30
CA ILE B 252 14.32 26.39 -29.38
C ILE B 252 14.24 24.87 -29.44
N ARG B 253 15.40 24.22 -29.49
CA ARG B 253 15.48 22.77 -29.55
C ARG B 253 16.30 22.24 -28.37
N HIS B 254 15.85 21.12 -27.82
CA HIS B 254 16.55 20.44 -26.73
C HIS B 254 17.32 19.26 -27.29
N ILE B 255 18.49 18.99 -26.72
CA ILE B 255 19.36 17.91 -27.16
C ILE B 255 19.88 17.18 -25.93
N GLY B 256 19.74 15.85 -25.92
CA GLY B 256 20.33 15.03 -24.87
C GLY B 256 21.76 14.65 -25.21
N LEU B 257 22.62 14.73 -24.19
CA LEU B 257 24.05 14.53 -24.36
C LEU B 257 24.52 13.44 -23.40
N ALA B 258 25.30 12.49 -23.93
CA ALA B 258 25.91 11.46 -23.10
C ALA B 258 27.24 11.07 -23.73
N ALA B 259 28.24 10.85 -22.88
CA ALA B 259 29.57 10.49 -23.36
C ALA B 259 30.33 9.75 -22.28
N LYS B 260 31.25 8.89 -22.70
CA LYS B 260 32.05 8.08 -21.81
C LYS B 260 33.47 8.00 -22.36
N GLN B 261 34.35 7.34 -21.61
CA GLN B 261 35.71 7.11 -22.08
C GLN B 261 35.78 5.82 -22.88
N LEU B 262 36.83 5.72 -23.70
CA LEU B 262 37.06 4.52 -24.50
C LEU B 262 37.83 3.47 -23.70
N ALA C 8 7.08 -38.38 -19.30
CA ALA C 8 6.18 -37.38 -19.85
C ALA C 8 5.35 -36.75 -18.74
N GLY C 9 4.86 -37.58 -17.82
CA GLY C 9 4.07 -37.10 -16.71
C GLY C 9 2.58 -37.08 -16.91
N LEU C 10 2.05 -37.92 -17.81
CA LEU C 10 0.61 -37.95 -18.03
C LEU C 10 -0.11 -38.59 -16.84
N ALA C 11 0.34 -39.76 -16.40
CA ALA C 11 -0.24 -40.41 -15.24
C ALA C 11 -0.13 -39.55 -14.00
N ASP C 12 0.96 -38.78 -13.87
CA ASP C 12 1.07 -37.84 -12.77
C ASP C 12 0.07 -36.70 -12.91
N ALA C 13 -0.27 -36.31 -14.14
CA ALA C 13 -1.27 -35.28 -14.35
C ALA C 13 -2.67 -35.79 -14.06
N LEU C 14 -2.90 -37.09 -14.21
CA LEU C 14 -4.21 -37.67 -13.95
C LEU C 14 -4.41 -38.09 -12.49
N THR C 15 -3.34 -38.46 -11.79
CA THR C 15 -3.46 -39.01 -10.44
C THR C 15 -3.05 -38.03 -9.35
N ALA C 16 -1.86 -37.44 -9.46
CA ALA C 16 -1.33 -36.62 -8.38
C ALA C 16 -2.18 -35.36 -8.19
N PRO C 17 -2.33 -34.90 -6.96
CA PRO C 17 -3.11 -33.67 -6.72
C PRO C 17 -2.32 -32.44 -7.17
N LEU C 18 -3.02 -31.30 -7.16
CA LEU C 18 -2.42 -30.05 -7.60
C LEU C 18 -1.37 -29.56 -6.62
N ASP C 19 -0.19 -29.22 -7.15
CA ASP C 19 0.91 -28.69 -6.35
C ASP C 19 1.23 -27.29 -6.84
N HIS C 20 1.31 -26.34 -5.89
CA HIS C 20 1.53 -24.95 -6.26
C HIS C 20 2.95 -24.66 -6.73
N LYS C 21 3.87 -25.61 -6.56
CA LYS C 21 5.26 -25.44 -6.97
C LYS C 21 5.55 -26.02 -8.35
N ASP C 22 4.52 -26.36 -9.12
CA ASP C 22 4.71 -26.87 -10.46
C ASP C 22 4.88 -25.72 -11.45
N LYS C 23 5.45 -26.04 -12.62
CA LYS C 23 5.78 -25.04 -13.60
C LYS C 23 4.58 -24.72 -14.50
N GLY C 24 4.63 -23.55 -15.12
CA GLY C 24 3.67 -23.08 -16.10
C GLY C 24 2.26 -22.99 -15.53
N LEU C 25 1.28 -23.15 -16.42
CA LEU C 25 -0.10 -23.12 -15.99
C LEU C 25 -0.44 -24.42 -15.27
N GLN C 26 -1.07 -24.30 -14.11
CA GLN C 26 -1.23 -25.40 -13.17
C GLN C 26 -2.58 -26.09 -13.24
N SER C 27 -3.67 -25.34 -13.14
CA SER C 27 -5.02 -25.89 -13.14
C SER C 27 -5.75 -25.48 -14.41
N LEU C 28 -6.52 -26.40 -14.98
CA LEU C 28 -7.28 -26.15 -16.20
C LEU C 28 -8.74 -26.57 -15.98
N THR C 29 -9.61 -25.58 -15.77
CA THR C 29 -11.02 -25.86 -15.54
C THR C 29 -11.67 -26.34 -16.84
N LEU C 30 -12.28 -27.52 -16.81
CA LEU C 30 -12.97 -28.08 -17.97
C LEU C 30 -14.43 -27.64 -17.92
N ASP C 31 -14.80 -26.72 -18.80
CA ASP C 31 -16.17 -26.24 -18.87
C ASP C 31 -16.79 -26.51 -20.23
N GLN C 32 -16.17 -26.04 -21.32
CA GLN C 32 -16.70 -26.31 -22.65
C GLN C 32 -16.37 -27.72 -23.13
N SER C 33 -15.35 -28.36 -22.56
CA SER C 33 -15.01 -29.73 -22.95
C SER C 33 -15.99 -30.73 -22.35
N VAL C 34 -16.51 -30.47 -21.15
CA VAL C 34 -17.44 -31.35 -20.47
C VAL C 34 -18.64 -30.52 -20.05
N ARG C 35 -19.79 -30.78 -20.67
CA ARG C 35 -21.01 -30.10 -20.26
C ARG C 35 -21.54 -30.69 -18.95
N LYS C 36 -22.46 -29.94 -18.33
CA LYS C 36 -22.94 -30.30 -17.00
C LYS C 36 -23.68 -31.63 -16.98
N ASN C 37 -24.22 -32.06 -18.12
CA ASN C 37 -24.98 -33.31 -18.19
C ASN C 37 -24.12 -34.52 -18.50
N GLU C 38 -22.89 -34.32 -18.97
CA GLU C 38 -22.06 -35.42 -19.46
C GLU C 38 -20.81 -35.59 -18.60
N LYS C 39 -20.07 -36.66 -18.91
CA LYS C 39 -18.84 -37.01 -18.22
C LYS C 39 -17.77 -37.33 -19.26
N LEU C 40 -16.51 -37.09 -18.87
CA LEU C 40 -15.38 -37.31 -19.77
C LEU C 40 -14.35 -38.22 -19.10
N LYS C 41 -13.99 -39.29 -19.77
CA LYS C 41 -12.97 -40.22 -19.26
C LYS C 41 -11.65 -39.95 -19.95
N LEU C 42 -10.58 -39.82 -19.17
CA LEU C 42 -9.24 -39.60 -19.69
C LEU C 42 -8.33 -40.73 -19.23
N ALA C 43 -7.54 -41.27 -20.14
CA ALA C 43 -6.65 -42.38 -19.83
C ALA C 43 -5.31 -42.18 -20.51
N ALA C 44 -4.23 -42.46 -19.78
CA ALA C 44 -2.87 -42.39 -20.31
C ALA C 44 -1.92 -42.98 -19.30
N GLN C 45 -0.86 -43.61 -19.81
CA GLN C 45 0.22 -44.18 -18.98
C GLN C 45 -0.33 -45.07 -17.87
N GLY C 46 -1.32 -45.90 -18.20
CA GLY C 46 -1.87 -46.83 -17.25
C GLY C 46 -2.79 -46.23 -16.21
N ALA C 47 -3.17 -44.96 -16.35
CA ALA C 47 -4.07 -44.31 -15.42
C ALA C 47 -5.32 -43.87 -16.16
N GLU C 48 -6.40 -43.68 -15.40
CA GLU C 48 -7.67 -43.22 -15.95
C GLU C 48 -8.45 -42.47 -14.89
N LYS C 49 -8.96 -41.30 -15.25
CA LYS C 49 -9.76 -40.49 -14.34
C LYS C 49 -11.01 -40.01 -15.07
N THR C 50 -12.09 -39.91 -14.30
CA THR C 50 -13.38 -39.45 -14.80
C THR C 50 -13.62 -38.03 -14.31
N TYR C 51 -13.68 -37.10 -15.25
CA TYR C 51 -13.93 -35.69 -14.96
C TYR C 51 -15.36 -35.34 -15.32
N GLY C 52 -15.98 -34.50 -14.51
CA GLY C 52 -17.28 -33.93 -14.79
C GLY C 52 -17.17 -32.51 -15.28
N ASN C 53 -18.23 -31.74 -15.07
CA ASN C 53 -18.23 -30.34 -15.44
C ASN C 53 -17.70 -29.49 -14.28
N GLY C 54 -16.86 -28.51 -14.62
CA GLY C 54 -16.24 -27.69 -13.61
C GLY C 54 -15.01 -28.30 -12.97
N ASP C 55 -14.77 -29.59 -13.13
CA ASP C 55 -13.61 -30.23 -12.56
C ASP C 55 -12.33 -29.72 -13.22
N SER C 56 -11.27 -29.64 -12.44
CA SER C 56 -10.00 -29.08 -12.90
C SER C 56 -9.05 -30.19 -13.28
N LEU C 57 -8.30 -29.97 -14.36
CA LEU C 57 -7.26 -30.86 -14.82
C LEU C 57 -5.90 -30.33 -14.35
N ASN C 58 -5.11 -31.20 -13.73
CA ASN C 58 -3.81 -30.82 -13.19
C ASN C 58 -2.80 -30.81 -14.34
N THR C 59 -2.69 -29.67 -15.01
CA THR C 59 -1.73 -29.52 -16.10
C THR C 59 -0.34 -29.13 -15.61
N GLY C 60 -0.17 -28.87 -14.31
CA GLY C 60 1.14 -28.52 -13.80
C GLY C 60 2.16 -29.61 -14.01
N LYS C 61 1.70 -30.87 -14.10
CA LYS C 61 2.61 -31.99 -14.34
C LYS C 61 2.94 -32.18 -15.81
N LEU C 62 2.25 -31.48 -16.71
CA LEU C 62 2.52 -31.61 -18.14
C LEU C 62 3.67 -30.69 -18.56
N LYS C 63 4.23 -31.01 -19.72
CA LYS C 63 5.30 -30.19 -20.28
C LYS C 63 4.74 -28.99 -21.02
N ASN C 64 5.44 -27.87 -20.93
CA ASN C 64 5.01 -26.65 -21.58
C ASN C 64 5.40 -26.66 -23.05
N ASP C 65 4.60 -25.96 -23.85
CA ASP C 65 4.87 -25.76 -25.28
C ASP C 65 4.91 -27.08 -26.03
N LYS C 66 4.21 -28.09 -25.53
CA LYS C 66 4.13 -29.39 -26.17
C LYS C 66 2.70 -29.90 -26.08
N VAL C 67 2.38 -30.86 -26.95
CA VAL C 67 1.04 -31.42 -27.04
C VAL C 67 1.02 -32.72 -26.25
N SER C 68 0.35 -32.70 -25.10
CA SER C 68 0.17 -33.89 -24.29
C SER C 68 -1.09 -34.61 -24.75
N ARG C 69 -0.95 -35.89 -25.10
CA ARG C 69 -2.03 -36.66 -25.72
C ARG C 69 -2.57 -37.70 -24.75
N PHE C 70 -3.91 -37.82 -24.72
CA PHE C 70 -4.62 -38.75 -23.87
C PHE C 70 -5.62 -39.54 -24.71
N ASP C 71 -6.28 -40.50 -24.07
CA ASP C 71 -7.40 -41.24 -24.66
C ASP C 71 -8.67 -40.84 -23.94
N PHE C 72 -9.59 -40.20 -24.66
CA PHE C 72 -10.80 -39.67 -24.06
C PHE C 72 -12.02 -40.48 -24.49
N ILE C 73 -13.01 -40.56 -23.61
CA ILE C 73 -14.29 -41.18 -23.89
C ILE C 73 -15.36 -40.29 -23.31
N ARG C 74 -16.11 -39.61 -24.18
CA ARG C 74 -17.19 -38.74 -23.76
C ARG C 74 -18.48 -39.54 -23.65
N GLN C 75 -19.02 -39.60 -22.43
CA GLN C 75 -20.29 -40.26 -22.16
C GLN C 75 -21.28 -39.23 -21.66
N ILE C 76 -22.56 -39.60 -21.69
CA ILE C 76 -23.63 -38.74 -21.21
C ILE C 76 -24.49 -39.52 -20.22
N GLU C 77 -24.94 -38.83 -19.17
CA GLU C 77 -25.72 -39.46 -18.10
C GLU C 77 -27.20 -39.32 -18.42
N VAL C 78 -27.81 -40.40 -18.88
CA VAL C 78 -29.24 -40.45 -19.17
C VAL C 78 -29.86 -41.41 -18.15
N ASP C 79 -30.60 -40.86 -17.20
CA ASP C 79 -31.18 -41.61 -16.09
C ASP C 79 -30.08 -42.31 -15.29
N GLY C 80 -29.91 -43.61 -15.52
CA GLY C 80 -28.94 -44.41 -14.79
C GLY C 80 -27.74 -44.75 -15.67
N GLN C 81 -26.55 -44.71 -15.07
CA GLN C 81 -25.31 -45.06 -15.73
C GLN C 81 -25.02 -44.17 -16.93
N LEU C 82 -24.04 -44.55 -17.75
CA LEU C 82 -23.55 -43.71 -18.82
C LEU C 82 -23.51 -44.50 -20.13
N ILE C 83 -23.76 -43.80 -21.23
CA ILE C 83 -23.69 -44.37 -22.57
C ILE C 83 -22.65 -43.58 -23.35
N THR C 84 -21.70 -44.29 -23.95
CA THR C 84 -20.57 -43.66 -24.63
C THR C 84 -21.03 -42.95 -25.90
N LEU C 85 -20.83 -41.63 -25.94
CA LEU C 85 -21.13 -40.83 -27.12
C LEU C 85 -19.93 -40.68 -28.04
N GLU C 86 -18.72 -40.61 -27.49
CA GLU C 86 -17.54 -40.29 -28.30
C GLU C 86 -16.33 -40.93 -27.65
N SER C 87 -15.26 -41.05 -28.44
CA SER C 87 -13.98 -41.53 -27.92
C SER C 87 -12.91 -41.23 -28.95
N GLY C 88 -11.68 -41.07 -28.47
CA GLY C 88 -10.55 -40.80 -29.35
C GLY C 88 -9.34 -40.27 -28.60
N GLU C 89 -8.64 -39.32 -29.19
CA GLU C 89 -7.46 -38.73 -28.59
C GLU C 89 -7.79 -37.33 -28.08
N PHE C 90 -7.22 -36.97 -26.93
CA PHE C 90 -7.50 -35.71 -26.26
C PHE C 90 -6.18 -34.97 -26.09
N GLN C 91 -6.02 -33.87 -26.83
CA GLN C 91 -4.77 -33.12 -26.85
C GLN C 91 -4.86 -31.91 -25.92
N VAL C 92 -3.77 -31.65 -25.21
CA VAL C 92 -3.67 -30.53 -24.28
C VAL C 92 -2.38 -29.80 -24.56
N TYR C 93 -2.47 -28.51 -24.87
CA TYR C 93 -1.32 -27.66 -25.05
C TYR C 93 -1.22 -26.72 -23.86
N LYS C 94 -0.06 -26.71 -23.20
CA LYS C 94 0.15 -25.97 -21.97
C LYS C 94 1.13 -24.84 -22.19
N GLN C 95 0.82 -23.67 -21.65
CA GLN C 95 1.73 -22.54 -21.61
C GLN C 95 1.88 -22.08 -20.16
N SER C 96 2.55 -20.94 -19.97
CA SER C 96 2.78 -20.46 -18.61
C SER C 96 1.52 -19.86 -18.00
N HIS C 97 0.75 -19.12 -18.80
CA HIS C 97 -0.44 -18.44 -18.30
C HIS C 97 -1.72 -18.85 -18.99
N SER C 98 -1.68 -19.81 -19.92
CA SER C 98 -2.88 -20.25 -20.61
C SER C 98 -2.69 -21.69 -21.09
N ALA C 99 -3.81 -22.34 -21.39
CA ALA C 99 -3.80 -23.70 -21.88
C ALA C 99 -5.10 -23.94 -22.64
N LEU C 100 -5.05 -24.85 -23.61
CA LEU C 100 -6.20 -25.19 -24.42
C LEU C 100 -6.25 -26.70 -24.62
N THR C 101 -7.44 -27.20 -24.94
CA THR C 101 -7.67 -28.61 -25.18
C THR C 101 -8.21 -28.83 -26.59
N ALA C 102 -7.99 -30.03 -27.11
CA ALA C 102 -8.45 -30.39 -28.43
C ALA C 102 -8.98 -31.82 -28.42
N PHE C 103 -9.99 -32.07 -29.25
CA PHE C 103 -10.62 -33.38 -29.36
C PHE C 103 -10.41 -33.91 -30.76
N GLN C 104 -9.74 -35.06 -30.85
CA GLN C 104 -9.57 -35.78 -32.12
C GLN C 104 -10.53 -36.96 -32.09
N THR C 105 -11.73 -36.73 -32.61
CA THR C 105 -12.78 -37.74 -32.55
C THR C 105 -12.46 -38.90 -33.48
N GLU C 106 -12.44 -40.11 -32.92
CA GLU C 106 -12.21 -41.34 -33.65
C GLU C 106 -13.45 -42.22 -33.71
N GLN C 107 -14.13 -42.40 -32.59
CA GLN C 107 -15.34 -43.22 -32.53
C GLN C 107 -16.49 -42.40 -31.96
N ILE C 108 -17.70 -42.67 -32.45
CA ILE C 108 -18.92 -42.02 -31.99
C ILE C 108 -20.01 -43.08 -31.81
N GLN C 109 -21.18 -42.63 -31.39
CA GLN C 109 -22.30 -43.52 -31.10
C GLN C 109 -23.05 -43.90 -32.36
N VAL C 118 -19.31 -46.44 -33.88
CA VAL C 118 -19.01 -46.06 -35.26
C VAL C 118 -17.77 -45.16 -35.30
N ALA C 119 -16.90 -45.39 -36.29
CA ALA C 119 -15.68 -44.62 -36.43
C ALA C 119 -15.95 -43.37 -37.26
N LYS C 120 -15.76 -42.20 -36.66
CA LYS C 120 -15.89 -40.92 -37.35
C LYS C 120 -14.80 -40.00 -36.83
N ARG C 121 -14.09 -39.35 -37.74
CA ARG C 121 -12.94 -38.53 -37.36
C ARG C 121 -13.33 -37.06 -37.38
N GLN C 122 -13.00 -36.37 -36.30
CA GLN C 122 -13.25 -34.93 -36.18
C GLN C 122 -12.09 -34.30 -35.43
N PHE C 123 -12.09 -32.97 -35.39
CA PHE C 123 -11.07 -32.23 -34.65
C PHE C 123 -11.72 -30.94 -34.16
N ARG C 124 -12.16 -30.93 -32.90
CA ARG C 124 -12.89 -29.80 -32.34
C ARG C 124 -12.14 -29.28 -31.13
N ILE C 125 -11.88 -27.97 -31.12
CA ILE C 125 -11.16 -27.35 -30.01
C ILE C 125 -12.05 -27.29 -28.78
N GLY C 126 -11.52 -27.72 -27.64
CA GLY C 126 -12.29 -27.71 -26.41
C GLY C 126 -12.11 -26.42 -25.64
N ASP C 127 -11.78 -26.55 -24.35
CA ASP C 127 -11.59 -25.38 -23.51
C ASP C 127 -10.34 -24.60 -23.90
N ILE C 128 -10.39 -23.29 -23.70
CA ILE C 128 -9.25 -22.40 -23.83
C ILE C 128 -9.29 -21.50 -22.61
N ALA C 129 -8.49 -21.82 -21.59
CA ALA C 129 -8.57 -21.13 -20.32
C ALA C 129 -7.19 -20.61 -19.92
N GLY C 130 -7.16 -19.91 -18.81
CA GLY C 130 -5.95 -19.31 -18.30
C GLY C 130 -6.30 -18.05 -17.52
N GLU C 131 -5.30 -17.19 -17.39
CA GLU C 131 -5.49 -15.91 -16.71
C GLU C 131 -5.78 -14.87 -17.77
N HIS C 132 -7.07 -14.64 -18.01
CA HIS C 132 -7.49 -13.70 -19.04
C HIS C 132 -7.10 -12.28 -18.67
N THR C 133 -6.66 -11.52 -19.67
CA THR C 133 -6.34 -10.11 -19.48
C THR C 133 -7.62 -9.30 -19.63
N SER C 134 -7.95 -8.51 -18.61
CA SER C 134 -9.14 -7.68 -18.67
C SER C 134 -8.98 -6.62 -19.75
N PHE C 135 -10.05 -6.40 -20.52
CA PHE C 135 -10.00 -5.41 -21.58
C PHE C 135 -9.78 -4.01 -21.03
N ASP C 136 -10.22 -3.76 -19.80
CA ASP C 136 -10.02 -2.48 -19.15
C ASP C 136 -8.61 -2.30 -18.60
N LYS C 137 -7.82 -3.37 -18.53
CA LYS C 137 -6.46 -3.33 -18.00
C LYS C 137 -5.41 -3.56 -19.08
N LEU C 138 -5.79 -3.44 -20.35
CA LEU C 138 -4.85 -3.67 -21.44
C LEU C 138 -3.78 -2.57 -21.49
N PRO C 139 -2.58 -2.90 -21.95
CA PRO C 139 -1.58 -1.86 -22.18
C PRO C 139 -2.04 -0.92 -23.29
N GLU C 140 -1.80 0.37 -23.08
CA GLU C 140 -2.27 1.40 -23.99
C GLU C 140 -1.29 1.72 -25.11
N GLY C 141 -0.16 1.01 -25.19
CA GLY C 141 0.79 1.26 -26.26
C GLY C 141 1.83 0.16 -26.32
N GLY C 142 2.59 0.18 -27.39
CA GLY C 142 3.67 -0.79 -27.56
C GLY C 142 3.27 -1.93 -28.47
N ARG C 143 4.27 -2.51 -29.12
CA ARG C 143 4.09 -3.68 -29.98
C ARG C 143 4.62 -4.92 -29.29
N ALA C 144 3.88 -6.02 -29.41
CA ALA C 144 4.28 -7.29 -28.82
C ALA C 144 4.19 -8.37 -29.89
N THR C 145 5.27 -9.11 -30.07
CA THR C 145 5.32 -10.19 -31.05
C THR C 145 5.24 -11.52 -30.30
N TYR C 146 4.27 -12.34 -30.67
CA TYR C 146 4.07 -13.64 -30.06
C TYR C 146 4.38 -14.73 -31.07
N ARG C 147 5.15 -15.73 -30.65
CA ARG C 147 5.46 -16.88 -31.47
C ARG C 147 5.09 -18.15 -30.71
N GLY C 148 4.62 -19.15 -31.45
CA GLY C 148 4.20 -20.39 -30.81
C GLY C 148 3.80 -21.47 -31.79
N THR C 149 2.96 -22.39 -31.34
CA THR C 149 2.52 -23.54 -32.12
C THR C 149 1.10 -23.36 -32.58
N ALA C 150 0.86 -23.68 -33.86
CA ALA C 150 -0.47 -23.83 -34.43
C ALA C 150 -0.60 -25.28 -34.90
N PHE C 151 -1.60 -25.98 -34.38
CA PHE C 151 -1.74 -27.41 -34.60
C PHE C 151 -3.13 -27.75 -35.10
N GLY C 152 -3.20 -28.64 -36.08
CA GLY C 152 -4.46 -29.09 -36.62
C GLY C 152 -4.68 -30.59 -36.43
N SER C 153 -5.49 -31.18 -37.29
CA SER C 153 -5.77 -32.62 -37.20
C SER C 153 -4.56 -33.42 -37.65
N ASP C 154 -4.06 -34.28 -36.76
CA ASP C 154 -2.93 -35.17 -37.01
C ASP C 154 -1.67 -34.41 -37.40
N ASP C 155 -1.56 -33.14 -37.01
CA ASP C 155 -0.39 -32.35 -37.32
C ASP C 155 -0.23 -31.29 -36.23
N ALA C 156 0.83 -31.42 -35.43
CA ALA C 156 1.13 -30.47 -34.37
C ALA C 156 2.37 -29.63 -34.68
N GLY C 157 2.88 -29.69 -35.91
CA GLY C 157 4.10 -28.98 -36.25
C GLY C 157 3.88 -27.58 -36.80
N GLY C 158 2.69 -27.02 -36.61
CA GLY C 158 2.43 -25.68 -37.12
C GLY C 158 3.12 -24.62 -36.27
N LYS C 159 3.58 -23.57 -36.94
CA LYS C 159 4.21 -22.43 -36.28
C LYS C 159 3.35 -21.19 -36.47
N LEU C 160 3.06 -20.50 -35.37
CA LEU C 160 2.22 -19.32 -35.36
C LEU C 160 3.05 -18.10 -34.98
N THR C 161 2.88 -17.01 -35.73
CA THR C 161 3.55 -15.74 -35.44
C THR C 161 2.52 -14.62 -35.53
N TYR C 162 2.08 -14.12 -34.37
CA TYR C 162 1.03 -13.11 -34.30
C TYR C 162 1.54 -11.91 -33.52
N THR C 163 1.49 -10.74 -34.14
CA THR C 163 1.93 -9.49 -33.54
C THR C 163 0.72 -8.62 -33.22
N ILE C 164 0.78 -7.95 -32.06
CA ILE C 164 -0.29 -7.11 -31.56
C ILE C 164 0.27 -5.72 -31.31
N ASP C 165 -0.39 -4.72 -31.89
CA ASP C 165 -0.11 -3.32 -31.60
C ASP C 165 -1.17 -2.82 -30.63
N PHE C 166 -0.76 -2.48 -29.42
CA PHE C 166 -1.69 -2.04 -28.40
C PHE C 166 -2.07 -0.57 -28.52
N ALA C 167 -1.26 0.23 -29.22
CA ALA C 167 -1.62 1.62 -29.44
C ALA C 167 -2.85 1.73 -30.33
N ALA C 168 -2.88 0.97 -31.42
CA ALA C 168 -4.04 0.92 -32.29
C ALA C 168 -4.99 -0.21 -31.96
N LYS C 169 -4.62 -1.09 -31.01
CA LYS C 169 -5.43 -2.25 -30.62
C LYS C 169 -5.75 -3.13 -31.83
N GLN C 170 -4.70 -3.55 -32.53
CA GLN C 170 -4.83 -4.40 -33.70
C GLN C 170 -3.85 -5.56 -33.58
N GLY C 171 -3.97 -6.52 -34.51
CA GLY C 171 -3.08 -7.66 -34.51
C GLY C 171 -3.18 -8.48 -35.77
N ASN C 172 -2.04 -8.96 -36.26
CA ASN C 172 -2.02 -9.78 -37.47
C ASN C 172 -1.00 -10.90 -37.29
N GLY C 173 -1.30 -12.06 -37.87
CA GLY C 173 -0.47 -13.23 -37.66
C GLY C 173 -0.27 -14.02 -38.94
N LYS C 174 0.42 -15.13 -38.80
CA LYS C 174 0.75 -16.00 -39.92
C LYS C 174 1.03 -17.40 -39.39
N ILE C 175 0.54 -18.41 -40.11
CA ILE C 175 0.70 -19.81 -39.76
C ILE C 175 1.53 -20.48 -40.84
N GLU C 176 2.49 -21.30 -40.44
CA GLU C 176 3.42 -21.93 -41.36
C GLU C 176 3.67 -23.37 -40.97
N HIS C 177 4.24 -24.12 -41.93
CA HIS C 177 4.77 -25.47 -41.74
C HIS C 177 3.68 -26.48 -41.39
N LEU C 178 2.46 -26.26 -41.84
CA LEU C 178 1.41 -27.25 -41.74
C LEU C 178 1.42 -28.15 -42.98
N LYS C 179 1.04 -29.42 -42.77
CA LYS C 179 1.08 -30.38 -43.87
C LYS C 179 0.09 -30.00 -44.97
N SER C 180 -1.10 -29.57 -44.60
CA SER C 180 -2.08 -29.14 -45.59
C SER C 180 -1.71 -27.77 -46.12
N PRO C 181 -1.49 -27.61 -47.43
CA PRO C 181 -1.08 -26.30 -47.94
C PRO C 181 -2.17 -25.24 -47.82
N GLU C 182 -3.43 -25.66 -47.80
CA GLU C 182 -4.54 -24.71 -47.67
C GLU C 182 -4.66 -24.12 -46.27
N LEU C 183 -3.92 -24.64 -45.29
CA LEU C 183 -4.00 -24.16 -43.92
C LEU C 183 -2.90 -23.15 -43.57
N ASN C 184 -1.89 -22.99 -44.42
CA ASN C 184 -0.86 -21.98 -44.21
C ASN C 184 -1.43 -20.63 -44.65
N VAL C 185 -2.07 -19.94 -43.71
CA VAL C 185 -2.86 -18.76 -44.00
C VAL C 185 -2.27 -17.55 -43.29
N ASP C 186 -2.76 -16.37 -43.69
CA ASP C 186 -2.42 -15.11 -43.04
C ASP C 186 -3.61 -14.66 -42.21
N LEU C 187 -3.35 -14.26 -40.96
CA LEU C 187 -4.39 -13.77 -40.07
C LEU C 187 -4.57 -12.27 -40.30
N ALA C 188 -5.72 -11.89 -40.85
CA ALA C 188 -5.98 -10.49 -41.17
C ALA C 188 -6.00 -9.64 -39.91
N ALA C 189 -5.59 -8.39 -40.06
CA ALA C 189 -5.55 -7.47 -38.93
C ALA C 189 -6.95 -7.26 -38.38
N ALA C 190 -7.10 -7.45 -37.06
CA ALA C 190 -8.39 -7.33 -36.41
C ALA C 190 -8.24 -6.54 -35.12
N ASP C 191 -9.34 -5.91 -34.71
CA ASP C 191 -9.33 -5.07 -33.52
C ASP C 191 -9.51 -5.91 -32.26
N ILE C 192 -8.99 -5.39 -31.14
CA ILE C 192 -9.14 -6.01 -29.84
C ILE C 192 -10.45 -5.54 -29.23
N LYS C 193 -11.29 -6.48 -28.83
CA LYS C 193 -12.60 -6.19 -28.25
C LYS C 193 -12.81 -7.01 -26.99
N PRO C 194 -13.68 -6.54 -26.10
CA PRO C 194 -14.09 -7.35 -24.95
C PRO C 194 -15.28 -8.24 -25.25
N ASP C 195 -15.36 -9.34 -24.52
CA ASP C 195 -16.46 -10.29 -24.64
C ASP C 195 -17.48 -10.02 -23.53
N GLY C 196 -18.28 -11.03 -23.19
CA GLY C 196 -19.25 -10.86 -22.12
C GLY C 196 -18.60 -10.64 -20.77
N LYS C 197 -17.54 -11.40 -20.47
CA LYS C 197 -16.81 -11.26 -19.23
C LYS C 197 -15.71 -10.21 -19.30
N ARG C 198 -15.69 -9.42 -20.38
CA ARG C 198 -14.73 -8.31 -20.55
C ARG C 198 -13.29 -8.81 -20.61
N HIS C 199 -13.08 -9.96 -21.25
CA HIS C 199 -11.74 -10.44 -21.54
C HIS C 199 -11.25 -9.85 -22.86
N ALA C 200 -9.94 -9.74 -22.99
CA ALA C 200 -9.33 -9.21 -24.20
C ALA C 200 -9.30 -10.30 -25.27
N VAL C 201 -10.17 -10.17 -26.28
CA VAL C 201 -10.25 -11.15 -27.36
C VAL C 201 -10.12 -10.43 -28.70
N ILE C 202 -9.74 -11.19 -29.72
CA ILE C 202 -9.55 -10.69 -31.07
C ILE C 202 -10.23 -11.65 -32.03
N SER C 203 -11.09 -11.12 -32.90
CA SER C 203 -11.79 -11.91 -33.90
C SER C 203 -11.55 -11.29 -35.26
N GLY C 204 -11.01 -12.08 -36.18
CA GLY C 204 -10.67 -11.58 -37.50
C GLY C 204 -10.88 -12.63 -38.56
N SER C 205 -10.57 -12.25 -39.79
CA SER C 205 -10.72 -13.13 -40.95
C SER C 205 -9.44 -13.90 -41.21
N VAL C 206 -9.58 -14.99 -41.96
CA VAL C 206 -8.47 -15.85 -42.35
C VAL C 206 -8.34 -15.79 -43.86
N LEU C 207 -7.18 -15.37 -44.34
CA LEU C 207 -6.92 -15.15 -45.76
C LEU C 207 -5.86 -16.12 -46.25
N TYR C 208 -6.04 -16.61 -47.48
CA TYR C 208 -5.08 -17.51 -48.11
C TYR C 208 -4.96 -17.13 -49.59
N ASN C 209 -3.75 -16.72 -50.00
CA ASN C 209 -3.50 -16.25 -51.36
C ASN C 209 -4.45 -15.12 -51.73
N GLN C 210 -4.54 -14.14 -50.84
CA GLN C 210 -5.39 -12.95 -51.03
C GLN C 210 -6.85 -13.33 -51.18
N ALA C 211 -7.26 -14.45 -50.58
CA ALA C 211 -8.64 -14.92 -50.63
C ALA C 211 -9.14 -15.18 -49.22
N GLU C 212 -10.31 -14.65 -48.90
CA GLU C 212 -10.92 -14.83 -47.58
C GLU C 212 -11.36 -16.27 -47.40
N LYS C 213 -10.68 -17.01 -46.52
CA LYS C 213 -10.91 -18.44 -46.36
C LYS C 213 -11.57 -18.83 -45.04
N GLY C 214 -11.50 -17.99 -44.00
CA GLY C 214 -12.10 -18.39 -42.74
C GLY C 214 -12.13 -17.32 -41.67
N SER C 215 -12.05 -17.74 -40.41
CA SER C 215 -12.09 -16.82 -39.28
C SER C 215 -11.12 -17.31 -38.20
N TYR C 216 -10.77 -16.43 -37.28
CA TYR C 216 -9.89 -16.80 -36.18
C TYR C 216 -10.18 -15.92 -34.97
N SER C 217 -10.02 -16.50 -33.78
CA SER C 217 -10.24 -15.81 -32.53
C SER C 217 -9.11 -16.16 -31.57
N LEU C 218 -8.53 -15.14 -30.95
CA LEU C 218 -7.41 -15.31 -30.02
C LEU C 218 -7.72 -14.58 -28.73
N GLY C 219 -7.46 -15.25 -27.62
CA GLY C 219 -7.58 -14.64 -26.31
C GLY C 219 -6.23 -14.21 -25.79
N ILE C 220 -6.21 -13.10 -25.06
CA ILE C 220 -4.99 -12.53 -24.51
C ILE C 220 -4.85 -12.96 -23.06
N PHE C 221 -3.67 -13.46 -22.69
CA PHE C 221 -3.43 -14.01 -21.36
C PHE C 221 -2.13 -13.46 -20.80
N GLY C 222 -2.13 -13.24 -19.49
CA GLY C 222 -0.98 -12.68 -18.82
C GLY C 222 -1.27 -12.45 -17.35
N TYR C 223 -0.25 -12.02 -16.64
CA TYR C 223 -0.35 -11.75 -15.21
C TYR C 223 -0.52 -10.25 -14.95
N TYR C 224 -0.80 -9.91 -13.70
CA TYR C 224 -0.96 -8.53 -13.29
C TYR C 224 -0.73 -8.42 -11.79
N THR C 225 -0.52 -7.20 -11.32
CA THR C 225 -0.23 -6.95 -9.91
C THR C 225 -1.04 -5.74 -9.44
N LYS C 226 -1.35 -5.75 -8.15
CA LYS C 226 -2.04 -4.63 -7.50
C LYS C 226 -1.33 -4.31 -6.19
N ASP C 227 -1.60 -3.12 -5.67
CA ASP C 227 -1.04 -2.71 -4.40
C ASP C 227 -2.11 -2.82 -3.31
N THR C 228 -1.82 -2.24 -2.14
CA THR C 228 -2.74 -2.29 -1.01
C THR C 228 -3.98 -1.45 -1.21
N ASN C 229 -4.02 -0.59 -2.22
CA ASN C 229 -5.07 0.41 -2.38
C ASN C 229 -6.07 0.04 -3.46
N ASN C 230 -6.11 -1.22 -3.88
CA ASN C 230 -6.86 -1.64 -5.06
C ASN C 230 -6.54 -0.74 -6.25
N ASN C 231 -5.25 -0.67 -6.57
CA ASN C 231 -4.76 0.13 -7.68
C ASN C 231 -3.89 -0.74 -8.56
N LEU C 232 -4.16 -0.69 -9.86
CA LEU C 232 -3.39 -1.47 -10.82
C LEU C 232 -2.00 -0.85 -10.99
N THR C 233 -0.97 -1.68 -10.96
CA THR C 233 0.41 -1.20 -11.03
C THR C 233 1.19 -1.84 -12.18
N LEU C 234 1.12 -3.16 -12.33
CA LEU C 234 1.89 -3.87 -13.35
C LEU C 234 0.95 -4.76 -14.16
N VAL C 235 1.05 -4.68 -15.48
CA VAL C 235 0.27 -5.51 -16.39
C VAL C 235 1.16 -5.95 -17.54
N LYS C 236 1.16 -7.24 -17.84
CA LYS C 236 1.83 -7.77 -19.02
C LYS C 236 0.89 -8.73 -19.73
N ALA C 237 0.90 -8.68 -21.06
CA ALA C 237 0.14 -9.59 -21.90
C ALA C 237 1.16 -10.47 -22.62
N GLN C 238 1.47 -11.61 -22.02
CA GLN C 238 2.60 -12.42 -22.48
C GLN C 238 2.19 -13.54 -23.43
N GLU C 239 0.92 -13.92 -23.46
CA GLU C 239 0.52 -15.07 -24.26
C GLU C 239 -0.79 -14.78 -24.98
N VAL C 240 -1.04 -15.55 -26.04
CA VAL C 240 -2.31 -15.55 -26.76
C VAL C 240 -2.66 -16.98 -27.11
N ALA C 241 -3.95 -17.32 -27.03
CA ALA C 241 -4.38 -18.68 -27.30
C ALA C 241 -5.80 -18.65 -27.84
N GLY C 242 -6.02 -19.35 -28.95
CA GLY C 242 -7.33 -19.35 -29.57
C GLY C 242 -7.50 -20.45 -30.60
N SER C 243 -8.37 -20.21 -31.58
CA SER C 243 -8.66 -21.21 -32.60
C SER C 243 -8.98 -20.50 -33.91
N ALA C 244 -9.04 -21.29 -34.98
CA ALA C 244 -9.32 -20.76 -36.32
C ALA C 244 -10.09 -21.80 -37.11
N GLU C 245 -10.97 -21.32 -37.99
CA GLU C 245 -11.74 -22.14 -38.90
C GLU C 245 -11.37 -21.76 -40.33
N VAL C 246 -10.84 -22.71 -41.08
CA VAL C 246 -10.38 -22.48 -42.45
C VAL C 246 -11.19 -23.35 -43.39
N LYS C 247 -11.65 -22.76 -44.49
CA LYS C 247 -12.38 -23.48 -45.52
C LYS C 247 -11.42 -24.11 -46.51
N THR C 248 -11.55 -25.42 -46.70
CA THR C 248 -10.75 -26.17 -47.66
C THR C 248 -11.67 -26.90 -48.62
N VAL C 249 -11.08 -27.40 -49.72
CA VAL C 249 -11.85 -28.15 -50.71
C VAL C 249 -12.47 -29.40 -50.12
N ASN C 250 -11.96 -29.89 -49.00
CA ASN C 250 -12.51 -31.06 -48.32
C ASN C 250 -13.41 -30.68 -47.15
N GLY C 251 -13.74 -29.41 -46.99
CA GLY C 251 -14.61 -28.94 -45.93
C GLY C 251 -13.90 -28.01 -44.98
N ILE C 252 -14.60 -27.69 -43.89
CA ILE C 252 -14.07 -26.78 -42.88
C ILE C 252 -13.16 -27.53 -41.92
N ARG C 253 -12.01 -26.93 -41.61
CA ARG C 253 -11.04 -27.50 -40.69
C ARG C 253 -10.77 -26.53 -39.56
N HIS C 254 -10.61 -27.07 -38.35
CA HIS C 254 -10.31 -26.29 -37.16
C HIS C 254 -8.83 -26.40 -36.80
N ILE C 255 -8.29 -25.32 -36.26
CA ILE C 255 -6.88 -25.25 -35.90
C ILE C 255 -6.76 -24.61 -34.51
N GLY C 256 -6.00 -25.25 -33.63
CA GLY C 256 -5.69 -24.68 -32.33
C GLY C 256 -4.44 -23.80 -32.41
N LEU C 257 -4.51 -22.66 -31.74
CA LEU C 257 -3.49 -21.62 -31.82
C LEU C 257 -2.97 -21.30 -30.42
N ALA C 258 -1.65 -21.26 -30.28
CA ALA C 258 -1.05 -20.84 -29.02
C ALA C 258 0.28 -20.16 -29.31
N ALA C 259 0.56 -19.07 -28.59
CA ALA C 259 1.79 -18.32 -28.82
C ALA C 259 2.14 -17.54 -27.56
N LYS C 260 3.44 -17.30 -27.38
CA LYS C 260 3.94 -16.58 -26.22
C LYS C 260 5.10 -15.70 -26.64
N GLN C 261 5.59 -14.90 -25.69
CA GLN C 261 6.78 -14.08 -25.90
C GLN C 261 8.03 -14.83 -25.47
N LEU C 262 9.17 -14.37 -25.98
CA LEU C 262 10.47 -14.94 -25.61
C LEU C 262 10.99 -14.30 -24.33
N ALA D 8 -17.01 -37.53 11.64
CA ALA D 8 -17.37 -36.11 11.65
C ALA D 8 -17.86 -35.69 13.04
N GLY D 9 -18.68 -36.54 13.65
CA GLY D 9 -19.19 -36.26 14.97
C GLY D 9 -20.52 -35.55 15.02
N LEU D 10 -21.35 -35.65 13.97
CA LEU D 10 -22.65 -35.00 13.99
C LEU D 10 -23.59 -35.70 14.97
N ALA D 11 -23.69 -37.02 14.86
CA ALA D 11 -24.53 -37.78 15.79
C ALA D 11 -24.03 -37.62 17.22
N ASP D 12 -22.72 -37.49 17.42
CA ASP D 12 -22.20 -37.20 18.74
C ASP D 12 -22.60 -35.81 19.22
N ALA D 13 -22.73 -34.86 18.29
CA ALA D 13 -23.19 -33.52 18.66
C ALA D 13 -24.67 -33.51 18.99
N LEU D 14 -25.45 -34.42 18.40
CA LEU D 14 -26.88 -34.47 18.66
C LEU D 14 -27.25 -35.31 19.88
N THR D 15 -26.46 -36.34 20.19
CA THR D 15 -26.80 -37.28 21.24
C THR D 15 -25.99 -37.09 22.51
N ALA D 16 -24.66 -37.07 22.41
CA ALA D 16 -23.81 -37.06 23.60
C ALA D 16 -24.01 -35.77 24.39
N PRO D 17 -23.96 -35.84 25.72
CA PRO D 17 -24.12 -34.62 26.53
C PRO D 17 -22.89 -33.74 26.46
N LEU D 18 -23.03 -32.54 27.02
CA LEU D 18 -21.96 -31.56 26.98
C LEU D 18 -20.81 -31.98 27.89
N ASP D 19 -19.60 -31.95 27.35
CA ASP D 19 -18.38 -32.27 28.09
C ASP D 19 -17.48 -31.04 28.09
N HIS D 20 -16.99 -30.66 29.27
CA HIS D 20 -16.19 -29.43 29.39
C HIS D 20 -14.79 -29.58 28.79
N LYS D 21 -14.39 -30.80 28.42
CA LYS D 21 -13.09 -31.05 27.83
C LYS D 21 -13.12 -31.10 26.30
N ASP D 22 -14.19 -30.61 25.68
CA ASP D 22 -14.29 -30.61 24.23
C ASP D 22 -13.56 -29.43 23.62
N LYS D 23 -13.29 -29.53 22.31
CA LYS D 23 -12.55 -28.50 21.59
C LYS D 23 -13.46 -27.34 21.23
N GLY D 24 -12.85 -26.16 21.08
CA GLY D 24 -13.55 -24.98 20.62
C GLY D 24 -14.70 -24.59 21.53
N LEU D 25 -15.72 -23.99 20.94
CA LEU D 25 -16.91 -23.61 21.70
C LEU D 25 -17.73 -24.86 22.02
N GLN D 26 -18.21 -24.92 23.26
CA GLN D 26 -18.83 -26.12 23.82
C GLN D 26 -20.35 -26.09 23.72
N SER D 27 -20.98 -25.04 24.22
CA SER D 27 -22.44 -24.92 24.24
C SER D 27 -22.88 -23.81 23.31
N LEU D 28 -23.99 -24.04 22.61
CA LEU D 28 -24.60 -23.05 21.71
C LEU D 28 -26.07 -22.96 22.06
N THR D 29 -26.44 -21.91 22.79
CA THR D 29 -27.83 -21.74 23.20
C THR D 29 -28.69 -21.35 22.01
N LEU D 30 -29.73 -22.13 21.75
CA LEU D 30 -30.67 -21.86 20.66
C LEU D 30 -31.81 -21.01 21.19
N ASP D 31 -31.84 -19.74 20.81
CA ASP D 31 -32.89 -18.83 21.23
C ASP D 31 -33.68 -18.28 20.04
N GLN D 32 -33.01 -17.65 19.08
CA GLN D 32 -33.70 -17.13 17.90
C GLN D 32 -34.03 -18.23 16.89
N SER D 33 -33.33 -19.36 16.93
CA SER D 33 -33.62 -20.44 16.00
C SER D 33 -34.90 -21.18 16.36
N VAL D 34 -35.22 -21.26 17.65
CA VAL D 34 -36.41 -21.96 18.13
C VAL D 34 -37.16 -20.99 19.05
N ARG D 35 -38.33 -20.54 18.61
CA ARG D 35 -39.16 -19.70 19.46
C ARG D 35 -39.87 -20.56 20.52
N LYS D 36 -40.37 -19.88 21.55
CA LYS D 36 -40.94 -20.59 22.70
C LYS D 36 -42.18 -21.39 22.34
N ASN D 37 -42.87 -21.03 21.26
CA ASN D 37 -44.09 -21.73 20.87
C ASN D 37 -43.83 -22.91 19.93
N GLU D 38 -42.66 -22.99 19.32
CA GLU D 38 -42.37 -23.98 18.30
C GLU D 38 -41.27 -24.94 18.75
N LYS D 39 -41.05 -25.97 17.94
CA LYS D 39 -40.05 -27.00 18.18
C LYS D 39 -39.25 -27.23 16.91
N LEU D 40 -37.99 -27.65 17.07
CA LEU D 40 -37.09 -27.86 15.94
C LEU D 40 -36.51 -29.28 16.00
N LYS D 41 -36.65 -30.02 14.90
CA LYS D 41 -36.10 -31.36 14.80
C LYS D 41 -34.79 -31.32 14.02
N LEU D 42 -33.75 -31.95 14.56
CA LEU D 42 -32.46 -32.03 13.89
C LEU D 42 -32.10 -33.50 13.69
N ALA D 43 -31.65 -33.84 12.49
CA ALA D 43 -31.30 -35.22 12.16
C ALA D 43 -30.05 -35.23 11.29
N ALA D 44 -29.14 -36.15 11.61
CA ALA D 44 -27.91 -36.36 10.85
C ALA D 44 -27.22 -37.61 11.36
N GLN D 45 -26.55 -38.32 10.46
CA GLN D 45 -25.76 -39.50 10.78
C GLN D 45 -26.55 -40.50 11.63
N GLY D 46 -27.80 -40.72 11.23
CA GLY D 46 -28.63 -41.69 11.91
C GLY D 46 -29.16 -41.28 13.27
N ALA D 47 -28.98 -40.01 13.66
CA ALA D 47 -29.49 -39.52 14.92
C ALA D 47 -30.50 -38.41 14.67
N GLU D 48 -31.37 -38.20 15.66
CA GLU D 48 -32.37 -37.15 15.59
C GLU D 48 -32.77 -36.72 16.99
N LYS D 49 -32.79 -35.42 17.22
CA LYS D 49 -33.19 -34.86 18.51
C LYS D 49 -34.14 -33.70 18.28
N THR D 50 -35.09 -33.55 19.20
CA THR D 50 -36.10 -32.48 19.17
C THR D 50 -35.74 -31.45 20.22
N TYR D 51 -35.44 -30.23 19.77
CA TYR D 51 -35.08 -29.13 20.65
C TYR D 51 -36.23 -28.15 20.80
N GLY D 52 -36.42 -27.66 22.00
CA GLY D 52 -37.35 -26.60 22.34
C GLY D 52 -36.65 -25.27 22.54
N ASN D 53 -37.27 -24.42 23.35
CA ASN D 53 -36.69 -23.12 23.68
C ASN D 53 -35.81 -23.22 24.92
N GLY D 54 -34.67 -22.55 24.88
CA GLY D 54 -33.71 -22.57 25.97
C GLY D 54 -32.76 -23.74 25.99
N ASP D 55 -33.04 -24.80 25.25
CA ASP D 55 -32.16 -25.96 25.21
C ASP D 55 -30.85 -25.60 24.51
N SER D 56 -29.78 -26.22 24.97
CA SER D 56 -28.43 -25.95 24.46
C SER D 56 -28.02 -27.02 23.46
N LEU D 57 -27.32 -26.61 22.41
CA LEU D 57 -26.77 -27.53 21.41
C LEU D 57 -25.30 -27.77 21.71
N ASN D 58 -24.92 -29.05 21.75
CA ASN D 58 -23.54 -29.44 22.05
C ASN D 58 -22.70 -29.32 20.78
N THR D 59 -22.13 -28.14 20.56
CA THR D 59 -21.26 -27.92 19.41
C THR D 59 -19.83 -28.37 19.67
N GLY D 60 -19.50 -28.79 20.89
CA GLY D 60 -18.16 -29.28 21.17
C GLY D 60 -17.76 -30.48 20.33
N LYS D 61 -18.75 -31.24 19.87
CA LYS D 61 -18.49 -32.40 19.03
C LYS D 61 -18.31 -32.03 17.56
N LEU D 62 -18.61 -30.79 17.17
CA LEU D 62 -18.44 -30.36 15.80
C LEU D 62 -17.01 -29.87 15.56
N LYS D 63 -16.63 -29.82 14.30
CA LYS D 63 -15.31 -29.33 13.92
C LYS D 63 -15.31 -27.82 13.82
N ASN D 64 -14.18 -27.22 14.20
CA ASN D 64 -14.06 -25.77 14.17
C ASN D 64 -13.70 -25.31 12.76
N ASP D 65 -14.15 -24.08 12.44
CA ASP D 65 -13.85 -23.44 11.16
C ASP D 65 -14.38 -24.25 9.97
N LYS D 66 -15.45 -25.01 10.19
CA LYS D 66 -16.08 -25.78 9.13
C LYS D 66 -17.59 -25.68 9.26
N VAL D 67 -18.28 -26.01 8.18
CA VAL D 67 -19.73 -25.94 8.11
C VAL D 67 -20.30 -27.32 8.36
N SER D 68 -20.92 -27.51 9.53
CA SER D 68 -21.59 -28.75 9.87
C SER D 68 -23.03 -28.70 9.40
N ARG D 69 -23.43 -29.68 8.60
CA ARG D 69 -24.73 -29.67 7.94
C ARG D 69 -25.65 -30.72 8.55
N PHE D 70 -26.90 -30.32 8.79
CA PHE D 70 -27.92 -31.19 9.37
C PHE D 70 -29.19 -31.10 8.52
N ASP D 71 -30.16 -31.93 8.87
CA ASP D 71 -31.50 -31.85 8.29
C ASP D 71 -32.47 -31.40 9.37
N PHE D 72 -33.05 -30.22 9.19
CA PHE D 72 -33.92 -29.63 10.19
C PHE D 72 -35.37 -29.66 9.72
N ILE D 73 -36.28 -29.75 10.69
CA ILE D 73 -37.72 -29.71 10.46
C ILE D 73 -38.30 -28.79 11.52
N ARG D 74 -38.70 -27.58 11.11
CA ARG D 74 -39.32 -26.62 12.02
C ARG D 74 -40.81 -26.88 12.10
N GLN D 75 -41.29 -27.20 13.31
CA GLN D 75 -42.69 -27.52 13.54
C GLN D 75 -43.23 -26.67 14.67
N ILE D 76 -44.55 -26.62 14.77
CA ILE D 76 -45.26 -25.92 15.83
C ILE D 76 -46.26 -26.89 16.44
N GLU D 77 -46.42 -26.82 17.77
CA GLU D 77 -47.30 -27.76 18.46
C GLU D 77 -48.68 -27.12 18.57
N VAL D 78 -49.57 -27.49 17.66
CA VAL D 78 -50.97 -27.04 17.66
C VAL D 78 -51.85 -28.26 17.86
N ASP D 79 -52.47 -28.35 19.04
CA ASP D 79 -53.48 -29.36 19.33
C ASP D 79 -52.95 -30.78 19.19
N GLY D 80 -52.41 -31.34 20.27
CA GLY D 80 -52.03 -32.73 20.30
C GLY D 80 -50.70 -33.06 19.67
N GLN D 81 -50.60 -32.88 18.36
CA GLN D 81 -49.40 -33.25 17.61
C GLN D 81 -48.76 -32.01 16.98
N LEU D 82 -47.56 -32.22 16.44
CA LEU D 82 -46.80 -31.17 15.79
C LEU D 82 -47.21 -31.02 14.34
N ILE D 83 -47.16 -29.78 13.85
CA ILE D 83 -47.49 -29.47 12.46
C ILE D 83 -46.26 -28.86 11.81
N THR D 84 -45.83 -29.46 10.70
CA THR D 84 -44.61 -29.04 10.01
C THR D 84 -44.80 -27.68 9.35
N LEU D 85 -44.03 -26.68 9.79
CA LEU D 85 -44.03 -25.37 9.17
C LEU D 85 -42.94 -25.23 8.12
N GLU D 86 -41.79 -25.86 8.34
CA GLU D 86 -40.62 -25.68 7.48
C GLU D 86 -39.77 -26.94 7.56
N SER D 87 -38.89 -27.10 6.57
CA SER D 87 -37.93 -28.21 6.59
C SER D 87 -36.83 -27.92 5.57
N GLY D 88 -35.66 -28.47 5.84
CA GLY D 88 -34.53 -28.27 4.95
C GLY D 88 -33.20 -28.62 5.58
N GLU D 89 -32.17 -27.83 5.27
CA GLU D 89 -30.83 -28.04 5.79
C GLU D 89 -30.52 -27.02 6.88
N PHE D 90 -29.81 -27.46 7.91
CA PHE D 90 -29.48 -26.62 9.07
C PHE D 90 -27.97 -26.57 9.22
N GLN D 91 -27.38 -25.42 8.94
CA GLN D 91 -25.93 -25.26 8.94
C GLN D 91 -25.46 -24.64 10.25
N VAL D 92 -24.33 -25.13 10.75
CA VAL D 92 -23.73 -24.65 11.99
C VAL D 92 -22.24 -24.41 11.74
N TYR D 93 -21.79 -23.18 11.99
CA TYR D 93 -20.38 -22.83 11.90
C TYR D 93 -19.86 -22.63 13.32
N LYS D 94 -18.79 -23.37 13.64
CA LYS D 94 -18.24 -23.39 14.99
C LYS D 94 -16.85 -22.76 15.01
N GLN D 95 -16.60 -21.92 16.02
CA GLN D 95 -15.26 -21.40 16.26
C GLN D 95 -14.87 -21.66 17.70
N SER D 96 -13.75 -21.08 18.14
CA SER D 96 -13.25 -21.32 19.49
C SER D 96 -14.08 -20.58 20.53
N HIS D 97 -14.47 -19.34 20.23
CA HIS D 97 -15.20 -18.50 21.18
C HIS D 97 -16.55 -18.04 20.66
N SER D 98 -16.98 -18.48 19.49
CA SER D 98 -18.27 -18.09 18.94
C SER D 98 -18.78 -19.16 18.00
N ALA D 99 -20.09 -19.12 17.74
CA ALA D 99 -20.71 -20.05 16.81
C ALA D 99 -22.02 -19.45 16.33
N LEU D 100 -22.39 -19.80 15.10
CA LEU D 100 -23.62 -19.30 14.49
C LEU D 100 -24.31 -20.44 13.75
N THR D 101 -25.61 -20.25 13.52
CA THR D 101 -26.44 -21.21 12.82
C THR D 101 -27.04 -20.56 11.58
N ALA D 102 -27.39 -21.40 10.61
CA ALA D 102 -27.97 -20.93 9.35
C ALA D 102 -29.09 -21.88 8.93
N PHE D 103 -30.10 -21.31 8.29
CA PHE D 103 -31.27 -22.06 7.82
C PHE D 103 -31.33 -21.98 6.30
N GLN D 104 -31.25 -23.14 5.66
CA GLN D 104 -31.42 -23.28 4.21
C GLN D 104 -32.79 -23.92 3.98
N THR D 105 -33.81 -23.09 3.80
CA THR D 105 -35.17 -23.58 3.65
C THR D 105 -35.34 -24.26 2.29
N GLU D 106 -35.82 -25.51 2.33
CA GLU D 106 -36.10 -26.29 1.13
C GLU D 106 -37.60 -26.51 0.92
N GLN D 107 -38.32 -26.91 1.97
CA GLN D 107 -39.75 -27.15 1.89
C GLN D 107 -40.47 -26.32 2.94
N ILE D 108 -41.66 -25.84 2.60
CA ILE D 108 -42.51 -25.07 3.51
C ILE D 108 -43.94 -25.55 3.38
N GLN D 109 -44.80 -25.03 4.26
CA GLN D 109 -46.22 -25.34 4.20
C GLN D 109 -46.87 -24.60 3.04
N ASP D 110 -47.86 -25.24 2.43
CA ASP D 110 -48.55 -24.65 1.29
C ASP D 110 -49.25 -23.36 1.70
N SER D 111 -49.05 -22.31 0.89
CA SER D 111 -49.61 -21.00 1.22
C SER D 111 -51.08 -20.93 0.85
N GLU D 112 -51.47 -21.46 -0.31
CA GLU D 112 -52.83 -21.34 -0.79
C GLU D 112 -53.77 -22.40 -0.21
N HIS D 113 -53.26 -23.37 0.53
CA HIS D 113 -54.11 -24.40 1.11
C HIS D 113 -53.36 -25.03 2.29
N SER D 114 -53.81 -24.73 3.50
CA SER D 114 -53.16 -25.24 4.71
C SER D 114 -53.35 -26.76 4.80
N GLY D 115 -52.25 -27.50 4.74
CA GLY D 115 -52.31 -28.94 4.84
C GLY D 115 -51.45 -29.66 3.82
N LYS D 116 -50.70 -28.90 3.03
CA LYS D 116 -49.83 -29.44 1.99
C LYS D 116 -48.43 -28.87 2.14
N MET D 117 -47.51 -29.40 1.34
CA MET D 117 -46.11 -28.97 1.37
C MET D 117 -45.69 -28.51 -0.02
N VAL D 118 -45.10 -27.32 -0.09
CA VAL D 118 -44.61 -26.74 -1.34
C VAL D 118 -43.13 -26.47 -1.20
N ALA D 119 -42.38 -26.68 -2.28
CA ALA D 119 -40.93 -26.51 -2.27
C ALA D 119 -40.60 -25.05 -2.54
N LYS D 120 -39.96 -24.41 -1.55
CA LYS D 120 -39.48 -23.04 -1.67
C LYS D 120 -38.14 -22.92 -0.96
N ARG D 121 -37.17 -22.31 -1.63
CA ARG D 121 -35.81 -22.23 -1.13
C ARG D 121 -35.54 -20.85 -0.54
N GLN D 122 -34.98 -20.83 0.67
CA GLN D 122 -34.60 -19.59 1.33
C GLN D 122 -33.29 -19.81 2.07
N PHE D 123 -32.73 -18.71 2.60
CA PHE D 123 -31.51 -18.77 3.38
C PHE D 123 -31.53 -17.63 4.38
N ARG D 124 -31.58 -17.97 5.67
CA ARG D 124 -31.68 -16.96 6.72
C ARG D 124 -30.76 -17.33 7.88
N ILE D 125 -30.07 -16.33 8.41
CA ILE D 125 -29.14 -16.56 9.52
C ILE D 125 -29.92 -16.68 10.82
N GLY D 126 -29.62 -17.71 11.59
CA GLY D 126 -30.28 -17.95 12.86
C GLY D 126 -29.55 -17.33 14.03
N ASP D 127 -29.30 -18.12 15.07
CA ASP D 127 -28.61 -17.63 16.26
C ASP D 127 -27.15 -17.32 15.97
N ILE D 128 -26.61 -16.33 16.69
CA ILE D 128 -25.19 -16.02 16.68
C ILE D 128 -24.77 -15.81 18.12
N ALA D 129 -24.16 -16.81 18.74
CA ALA D 129 -23.86 -16.79 20.17
C ALA D 129 -22.39 -17.09 20.40
N GLY D 130 -22.00 -17.02 21.67
CA GLY D 130 -20.62 -17.25 22.06
C GLY D 130 -20.32 -16.44 23.31
N GLU D 131 -19.02 -16.21 23.53
CA GLU D 131 -18.54 -15.42 24.67
C GLU D 131 -18.35 -13.99 24.19
N HIS D 132 -19.37 -13.16 24.38
CA HIS D 132 -19.31 -11.78 23.95
C HIS D 132 -18.27 -11.02 24.75
N THR D 133 -17.55 -10.13 24.07
CA THR D 133 -16.58 -9.26 24.72
C THR D 133 -17.31 -8.03 25.26
N SER D 134 -17.17 -7.77 26.55
CA SER D 134 -17.81 -6.62 27.16
C SER D 134 -17.24 -5.33 26.58
N PHE D 135 -18.13 -4.38 26.28
CA PHE D 135 -17.69 -3.10 25.73
C PHE D 135 -16.83 -2.33 26.73
N ASP D 136 -17.04 -2.56 28.03
CA ASP D 136 -16.26 -1.88 29.06
C ASP D 136 -14.88 -2.46 29.26
N LYS D 137 -14.59 -3.64 28.70
CA LYS D 137 -13.31 -4.31 28.87
C LYS D 137 -12.53 -4.39 27.57
N LEU D 138 -12.86 -3.56 26.58
CA LEU D 138 -12.18 -3.61 25.30
C LEU D 138 -10.73 -3.13 25.44
N PRO D 139 -9.83 -3.64 24.60
CA PRO D 139 -8.47 -3.10 24.57
C PRO D 139 -8.46 -1.65 24.09
N GLU D 140 -7.62 -0.83 24.71
CA GLU D 140 -7.58 0.59 24.43
C GLU D 140 -6.64 0.94 23.28
N GLY D 141 -6.05 -0.05 22.62
CA GLY D 141 -5.18 0.23 21.50
C GLY D 141 -4.84 -1.04 20.74
N GLY D 142 -4.23 -0.84 19.59
CA GLY D 142 -3.77 -1.93 18.76
C GLY D 142 -4.72 -2.23 17.62
N ARG D 143 -4.17 -2.75 16.52
CA ARG D 143 -4.93 -3.17 15.36
C ARG D 143 -4.95 -4.69 15.30
N ALA D 144 -6.11 -5.26 14.98
CA ALA D 144 -6.28 -6.70 14.90
C ALA D 144 -6.96 -7.06 13.60
N THR D 145 -6.35 -7.99 12.85
CA THR D 145 -6.90 -8.45 11.58
C THR D 145 -7.51 -9.84 11.79
N TYR D 146 -8.80 -9.97 11.45
CA TYR D 146 -9.52 -11.22 11.58
C TYR D 146 -9.83 -11.76 10.19
N ARG D 147 -9.59 -13.05 10.00
CA ARG D 147 -9.91 -13.73 8.75
C ARG D 147 -10.79 -14.93 9.04
N GLY D 148 -11.69 -15.23 8.11
CA GLY D 148 -12.58 -16.34 8.32
C GLY D 148 -13.43 -16.62 7.09
N THR D 149 -14.57 -17.24 7.35
CA THR D 149 -15.48 -17.69 6.30
C THR D 149 -16.70 -16.79 6.22
N ALA D 150 -17.07 -16.45 4.99
CA ALA D 150 -18.35 -15.82 4.68
C ALA D 150 -19.11 -16.78 3.78
N PHE D 151 -20.29 -17.21 4.23
CA PHE D 151 -21.03 -18.26 3.54
C PHE D 151 -22.47 -17.82 3.28
N GLY D 152 -22.95 -18.12 2.08
CA GLY D 152 -24.32 -17.82 1.71
C GLY D 152 -25.10 -19.07 1.36
N SER D 153 -26.14 -18.91 0.54
CA SER D 153 -26.95 -20.05 0.13
C SER D 153 -26.17 -20.90 -0.87
N ASP D 154 -25.97 -22.18 -0.54
CA ASP D 154 -25.28 -23.14 -1.39
C ASP D 154 -23.85 -22.72 -1.72
N ASP D 155 -23.25 -21.88 -0.87
CA ASP D 155 -21.87 -21.43 -1.10
C ASP D 155 -21.23 -21.16 0.25
N ALA D 156 -20.26 -22.00 0.63
CA ALA D 156 -19.51 -21.84 1.87
C ALA D 156 -18.07 -21.44 1.62
N GLY D 157 -17.71 -21.10 0.39
CA GLY D 157 -16.34 -20.76 0.05
C GLY D 157 -15.98 -19.30 0.18
N GLY D 158 -16.82 -18.53 0.89
CA GLY D 158 -16.53 -17.12 1.05
C GLY D 158 -15.39 -16.88 2.03
N LYS D 159 -14.59 -15.87 1.72
CA LYS D 159 -13.48 -15.47 2.57
C LYS D 159 -13.75 -14.06 3.10
N LEU D 160 -13.64 -13.90 4.41
CA LEU D 160 -13.90 -12.63 5.08
C LEU D 160 -12.61 -12.12 5.70
N THR D 161 -12.31 -10.84 5.49
CA THR D 161 -11.13 -10.20 6.07
C THR D 161 -11.57 -8.87 6.69
N TYR D 162 -11.66 -8.82 8.01
CA TYR D 162 -12.16 -7.64 8.72
C TYR D 162 -11.12 -7.20 9.74
N THR D 163 -10.69 -5.94 9.64
CA THR D 163 -9.69 -5.37 10.53
C THR D 163 -10.35 -4.38 11.48
N ILE D 164 -9.91 -4.39 12.73
CA ILE D 164 -10.44 -3.54 13.79
C ILE D 164 -9.30 -2.75 14.40
N ASP D 165 -9.45 -1.42 14.45
CA ASP D 165 -8.53 -0.54 15.17
C ASP D 165 -9.21 -0.16 16.48
N PHE D 166 -8.61 -0.59 17.60
CA PHE D 166 -9.18 -0.35 18.91
C PHE D 166 -8.85 1.03 19.46
N ALA D 167 -7.80 1.68 18.94
CA ALA D 167 -7.49 3.03 19.37
C ALA D 167 -8.56 4.01 18.92
N ALA D 168 -9.01 3.89 17.67
CA ALA D 168 -10.10 4.71 17.15
C ALA D 168 -11.47 4.03 17.25
N LYS D 169 -11.52 2.78 17.69
CA LYS D 169 -12.77 2.01 17.79
C LYS D 169 -13.48 1.97 16.43
N GLN D 170 -12.77 1.52 15.41
CA GLN D 170 -13.32 1.42 14.06
C GLN D 170 -12.99 0.05 13.49
N GLY D 171 -13.58 -0.24 12.33
CA GLY D 171 -13.32 -1.51 11.67
C GLY D 171 -13.87 -1.58 10.26
N ASN D 172 -13.09 -2.16 9.35
CA ASN D 172 -13.50 -2.28 7.96
C ASN D 172 -13.05 -3.62 7.42
N GLY D 173 -13.86 -4.20 6.52
CA GLY D 173 -13.61 -5.54 6.04
C GLY D 173 -13.85 -5.64 4.54
N LYS D 174 -13.69 -6.88 4.05
CA LYS D 174 -13.84 -7.18 2.63
C LYS D 174 -14.16 -8.66 2.49
N ILE D 175 -15.06 -8.98 1.57
CA ILE D 175 -15.49 -10.35 1.31
C ILE D 175 -15.07 -10.71 -0.11
N GLU D 176 -14.51 -11.91 -0.27
CA GLU D 176 -14.00 -12.34 -1.56
C GLU D 176 -14.35 -13.81 -1.78
N HIS D 177 -14.21 -14.24 -3.04
CA HIS D 177 -14.29 -15.65 -3.44
C HIS D 177 -15.68 -16.25 -3.21
N LEU D 178 -16.72 -15.41 -3.28
CA LEU D 178 -18.09 -15.90 -3.28
C LEU D 178 -18.54 -16.17 -4.71
N LYS D 179 -19.42 -17.16 -4.86
CA LYS D 179 -19.90 -17.51 -6.19
C LYS D 179 -20.70 -16.38 -6.82
N SER D 180 -21.55 -15.72 -6.02
CA SER D 180 -22.30 -14.58 -6.52
C SER D 180 -21.39 -13.36 -6.57
N PRO D 181 -21.19 -12.75 -7.75
CA PRO D 181 -20.26 -11.60 -7.81
C PRO D 181 -20.77 -10.38 -7.08
N GLU D 182 -22.09 -10.22 -6.94
CA GLU D 182 -22.67 -9.07 -6.24
C GLU D 182 -22.49 -9.16 -4.74
N LEU D 183 -22.03 -10.30 -4.21
CA LEU D 183 -21.87 -10.49 -2.77
C LEU D 183 -20.44 -10.24 -2.30
N ASN D 184 -19.48 -10.14 -3.22
CA ASN D 184 -18.10 -9.81 -2.86
C ASN D 184 -18.01 -8.31 -2.66
N VAL D 185 -18.26 -7.88 -1.43
CA VAL D 185 -18.44 -6.47 -1.11
C VAL D 185 -17.37 -6.02 -0.12
N ASP D 186 -17.28 -4.71 0.06
CA ASP D 186 -16.40 -4.11 1.07
C ASP D 186 -17.25 -3.63 2.23
N LEU D 187 -16.82 -3.97 3.45
CA LEU D 187 -17.51 -3.55 4.66
C LEU D 187 -17.02 -2.17 5.07
N ALA D 188 -17.90 -1.17 4.97
CA ALA D 188 -17.52 0.20 5.28
C ALA D 188 -17.12 0.35 6.74
N ALA D 189 -16.20 1.28 6.98
CA ALA D 189 -15.71 1.52 8.34
C ALA D 189 -16.82 2.00 9.25
N ALA D 190 -16.97 1.33 10.40
CA ALA D 190 -18.02 1.66 11.35
C ALA D 190 -17.43 1.66 12.76
N ASP D 191 -18.08 2.40 13.65
CA ASP D 191 -17.62 2.53 15.01
C ASP D 191 -18.06 1.33 15.85
N ILE D 192 -17.30 1.05 16.90
CA ILE D 192 -17.64 0.00 17.86
C ILE D 192 -18.57 0.60 18.90
N LYS D 193 -19.71 -0.04 19.11
CA LYS D 193 -20.72 0.45 20.03
C LYS D 193 -21.21 -0.68 20.94
N PRO D 194 -21.73 -0.33 22.11
CA PRO D 194 -22.39 -1.33 22.95
C PRO D 194 -23.86 -1.47 22.62
N ASP D 195 -24.39 -2.66 22.89
CA ASP D 195 -25.79 -2.97 22.68
C ASP D 195 -26.55 -2.83 24.01
N GLY D 196 -27.70 -3.51 24.11
CA GLY D 196 -28.47 -3.44 25.35
C GLY D 196 -27.76 -4.09 26.51
N LYS D 197 -27.12 -5.24 26.27
CA LYS D 197 -26.36 -5.94 27.29
C LYS D 197 -24.91 -5.50 27.36
N ARG D 198 -24.57 -4.38 26.70
CA ARG D 198 -23.24 -3.79 26.74
C ARG D 198 -22.18 -4.74 26.16
N HIS D 199 -22.56 -5.47 25.12
CA HIS D 199 -21.61 -6.26 24.35
C HIS D 199 -21.01 -5.42 23.24
N ALA D 200 -19.80 -5.78 22.83
CA ALA D 200 -19.10 -5.05 21.77
C ALA D 200 -19.64 -5.47 20.41
N VAL D 201 -20.40 -4.58 19.77
CA VAL D 201 -21.00 -4.86 18.47
C VAL D 201 -20.62 -3.75 17.49
N ILE D 202 -20.70 -4.08 16.21
CA ILE D 202 -20.38 -3.16 15.12
C ILE D 202 -21.46 -3.27 14.06
N SER D 203 -22.02 -2.13 13.66
CA SER D 203 -23.04 -2.07 12.61
C SER D 203 -22.59 -1.07 11.57
N GLY D 204 -22.51 -1.52 10.30
CA GLY D 204 -22.03 -0.66 9.25
C GLY D 204 -22.72 -0.93 7.93
N SER D 205 -22.31 -0.18 6.92
CA SER D 205 -22.88 -0.28 5.58
C SER D 205 -22.07 -1.25 4.72
N VAL D 206 -22.71 -1.72 3.65
CA VAL D 206 -22.11 -2.65 2.70
C VAL D 206 -22.00 -1.93 1.36
N LEU D 207 -20.77 -1.80 0.85
CA LEU D 207 -20.49 -1.09 -0.38
C LEU D 207 -19.92 -2.05 -1.41
N TYR D 208 -20.31 -1.85 -2.68
CA TYR D 208 -19.80 -2.66 -3.78
C TYR D 208 -19.56 -1.75 -4.98
N ASN D 209 -18.31 -1.66 -5.42
CA ASN D 209 -17.91 -0.78 -6.51
C ASN D 209 -18.33 0.67 -6.23
N GLN D 210 -18.00 1.13 -5.03
CA GLN D 210 -18.31 2.49 -4.58
C GLN D 210 -19.80 2.78 -4.60
N ALA D 211 -20.61 1.74 -4.43
CA ALA D 211 -22.06 1.87 -4.42
C ALA D 211 -22.61 1.23 -3.16
N GLU D 212 -23.47 1.96 -2.44
CA GLU D 212 -24.06 1.46 -1.20
C GLU D 212 -25.04 0.33 -1.53
N LYS D 213 -24.69 -0.90 -1.15
CA LYS D 213 -25.49 -2.06 -1.53
C LYS D 213 -26.22 -2.71 -0.36
N GLY D 214 -25.78 -2.51 0.87
CA GLY D 214 -26.48 -3.16 1.98
C GLY D 214 -26.02 -2.76 3.37
N SER D 215 -26.10 -3.70 4.31
CA SER D 215 -25.70 -3.47 5.69
C SER D 215 -25.04 -4.73 6.23
N TYR D 216 -24.31 -4.57 7.34
CA TYR D 216 -23.66 -5.70 7.97
C TYR D 216 -23.51 -5.43 9.47
N SER D 217 -23.58 -6.51 10.25
CA SER D 217 -23.45 -6.44 11.69
C SER D 217 -22.54 -7.56 12.18
N LEU D 218 -21.55 -7.20 13.00
CA LEU D 218 -20.58 -8.15 13.52
C LEU D 218 -20.47 -8.01 15.04
N GLY D 219 -20.46 -9.14 15.73
CA GLY D 219 -20.24 -9.18 17.17
C GLY D 219 -18.81 -9.54 17.50
N ILE D 220 -18.30 -8.96 18.58
CA ILE D 220 -16.92 -9.18 19.02
C ILE D 220 -16.92 -10.21 20.13
N PHE D 221 -16.03 -11.19 20.04
CA PHE D 221 -15.96 -12.30 20.96
C PHE D 221 -14.51 -12.54 21.40
N GLY D 222 -14.34 -12.92 22.65
CA GLY D 222 -13.01 -13.18 23.18
C GLY D 222 -13.10 -13.56 24.64
N TYR D 223 -11.95 -13.96 25.17
CA TYR D 223 -11.83 -14.40 26.56
C TYR D 223 -11.19 -13.30 27.42
N TYR D 224 -11.18 -13.54 28.73
CA TYR D 224 -10.56 -12.62 29.67
C TYR D 224 -10.19 -13.41 30.93
N THR D 225 -9.34 -12.81 31.74
CA THR D 225 -8.83 -13.43 32.95
C THR D 225 -8.87 -12.42 34.09
N LYS D 226 -8.96 -12.94 35.30
CA LYS D 226 -8.99 -12.12 36.51
C LYS D 226 -7.99 -12.67 37.52
N ASP D 227 -7.18 -11.78 38.09
CA ASP D 227 -6.30 -12.14 39.20
C ASP D 227 -7.14 -12.25 40.47
N THR D 228 -6.47 -12.25 41.63
CA THR D 228 -7.21 -12.37 42.88
C THR D 228 -8.08 -11.14 43.09
N ASN D 229 -9.12 -11.31 43.89
CA ASN D 229 -10.18 -10.31 44.07
C ASN D 229 -10.88 -10.11 42.73
N ASN D 230 -11.34 -8.89 42.45
CA ASN D 230 -12.12 -8.61 41.26
C ASN D 230 -11.43 -7.54 40.41
N ASN D 231 -10.23 -7.83 39.92
CA ASN D 231 -9.47 -6.90 39.10
C ASN D 231 -9.13 -7.53 37.76
N LEU D 232 -9.42 -6.80 36.69
CA LEU D 232 -9.16 -7.27 35.33
C LEU D 232 -7.67 -7.25 35.03
N THR D 233 -7.16 -8.33 34.44
CA THR D 233 -5.74 -8.44 34.14
C THR D 233 -5.48 -8.72 32.66
N LEU D 234 -6.19 -9.67 32.06
CA LEU D 234 -5.96 -10.07 30.68
C LEU D 234 -7.26 -10.01 29.89
N VAL D 235 -7.21 -9.40 28.71
CA VAL D 235 -8.36 -9.32 27.80
C VAL D 235 -7.87 -9.51 26.38
N LYS D 236 -8.52 -10.41 25.64
CA LYS D 236 -8.27 -10.55 24.21
C LYS D 236 -9.61 -10.64 23.48
N ALA D 237 -9.68 -10.00 22.31
CA ALA D 237 -10.83 -10.06 21.43
C ALA D 237 -10.38 -10.84 20.19
N GLN D 238 -10.62 -12.16 20.20
CA GLN D 238 -10.02 -13.04 19.21
C GLN D 238 -10.92 -13.34 18.00
N GLU D 239 -12.23 -13.16 18.12
CA GLU D 239 -13.12 -13.55 17.05
C GLU D 239 -14.20 -12.49 16.82
N VAL D 240 -14.80 -12.54 15.64
CA VAL D 240 -15.97 -11.74 15.30
C VAL D 240 -16.94 -12.61 14.52
N ALA D 241 -18.23 -12.43 14.74
CA ALA D 241 -19.24 -13.25 14.07
C ALA D 241 -20.52 -12.45 13.91
N GLY D 242 -21.06 -12.46 12.68
CA GLY D 242 -22.27 -11.71 12.41
C GLY D 242 -22.92 -12.10 11.10
N SER D 243 -23.66 -11.17 10.51
CA SER D 243 -24.38 -11.41 9.27
C SER D 243 -24.42 -10.13 8.45
N ALA D 244 -24.86 -10.26 7.20
CA ALA D 244 -24.93 -9.13 6.30
C ALA D 244 -26.09 -9.31 5.33
N GLU D 245 -26.69 -8.18 4.94
CA GLU D 245 -27.76 -8.13 3.95
C GLU D 245 -27.29 -7.31 2.77
N VAL D 246 -27.22 -7.93 1.60
CA VAL D 246 -26.72 -7.30 0.38
C VAL D 246 -27.84 -7.26 -0.65
N LYS D 247 -27.99 -6.11 -1.30
CA LYS D 247 -28.99 -5.94 -2.35
C LYS D 247 -28.41 -6.42 -3.69
N THR D 248 -29.15 -7.32 -4.34
CA THR D 248 -28.78 -7.84 -5.65
C THR D 248 -29.92 -7.61 -6.63
N VAL D 249 -29.61 -7.78 -7.91
CA VAL D 249 -30.61 -7.64 -8.97
C VAL D 249 -31.72 -8.67 -8.82
N ASN D 250 -31.46 -9.77 -8.11
CA ASN D 250 -32.45 -10.80 -7.86
C ASN D 250 -33.08 -10.68 -6.47
N GLY D 251 -32.82 -9.59 -5.76
CA GLY D 251 -33.39 -9.36 -4.45
C GLY D 251 -32.32 -9.31 -3.38
N ILE D 252 -32.78 -9.28 -2.13
CA ILE D 252 -31.88 -9.20 -0.98
C ILE D 252 -31.35 -10.59 -0.65
N ARG D 253 -30.05 -10.68 -0.38
CA ARG D 253 -29.39 -11.92 -0.01
C ARG D 253 -28.71 -11.76 1.33
N HIS D 254 -28.77 -12.80 2.15
CA HIS D 254 -28.14 -12.81 3.46
C HIS D 254 -26.83 -13.61 3.41
N ILE D 255 -25.86 -13.16 4.20
CA ILE D 255 -24.55 -13.77 4.24
C ILE D 255 -24.13 -13.94 5.69
N GLY D 256 -23.69 -15.13 6.05
CA GLY D 256 -23.14 -15.38 7.38
C GLY D 256 -21.65 -15.08 7.39
N LEU D 257 -21.21 -14.44 8.47
CA LEU D 257 -19.85 -13.96 8.59
C LEU D 257 -19.23 -14.50 9.87
N ALA D 258 -18.01 -15.04 9.76
CA ALA D 258 -17.25 -15.48 10.92
C ALA D 258 -15.77 -15.28 10.64
N ALA D 259 -15.03 -14.84 11.65
CA ALA D 259 -13.61 -14.57 11.48
C ALA D 259 -12.92 -14.68 12.83
N LYS D 260 -11.64 -15.04 12.79
CA LYS D 260 -10.83 -15.22 13.98
C LYS D 260 -9.42 -14.72 13.70
N GLN D 261 -8.57 -14.80 14.72
CA GLN D 261 -7.16 -14.46 14.57
C GLN D 261 -6.35 -15.69 14.14
N LEU D 262 -5.18 -15.42 13.58
CA LEU D 262 -4.28 -16.49 13.15
C LEU D 262 -3.40 -16.97 14.30
N ALA E 8 -20.33 44.06 -1.30
CA ALA E 8 -19.38 43.10 -0.73
C ALA E 8 -17.95 43.45 -1.12
N GLY E 9 -17.74 43.85 -2.37
CA GLY E 9 -16.43 44.26 -2.83
C GLY E 9 -15.59 43.16 -3.45
N LEU E 10 -16.23 42.10 -3.98
CA LEU E 10 -15.47 41.03 -4.61
C LEU E 10 -14.85 41.48 -5.93
N ALA E 11 -15.66 42.06 -6.80
CA ALA E 11 -15.14 42.55 -8.07
C ALA E 11 -14.08 43.62 -7.87
N ASP E 12 -14.23 44.44 -6.83
CA ASP E 12 -13.18 45.40 -6.49
C ASP E 12 -11.92 44.70 -6.00
N ALA E 13 -12.08 43.55 -5.33
CA ALA E 13 -10.91 42.79 -4.89
C ALA E 13 -10.21 42.12 -6.07
N LEU E 14 -10.94 41.82 -7.14
CA LEU E 14 -10.35 41.19 -8.32
C LEU E 14 -9.78 42.19 -9.31
N THR E 15 -10.35 43.39 -9.37
CA THR E 15 -9.97 44.39 -10.38
C THR E 15 -9.12 45.51 -9.83
N ALA E 16 -9.56 46.17 -8.77
CA ALA E 16 -8.88 47.37 -8.28
C ALA E 16 -7.49 47.02 -7.78
N PRO E 17 -6.50 47.89 -7.98
CA PRO E 17 -5.15 47.63 -7.49
C PRO E 17 -5.06 47.82 -5.98
N LEU E 18 -3.92 47.42 -5.44
CA LEU E 18 -3.69 47.49 -4.00
C LEU E 18 -3.53 48.93 -3.56
N ASP E 19 -4.25 49.31 -2.52
CA ASP E 19 -4.18 50.64 -1.93
C ASP E 19 -3.67 50.53 -0.50
N HIS E 20 -2.67 51.33 -0.16
CA HIS E 20 -2.05 51.22 1.16
C HIS E 20 -2.95 51.74 2.28
N LYS E 21 -4.05 52.39 1.95
CA LYS E 21 -4.99 52.90 2.94
C LYS E 21 -6.18 51.98 3.16
N ASP E 22 -6.11 50.74 2.70
CA ASP E 22 -7.20 49.79 2.90
C ASP E 22 -7.11 49.14 4.27
N LYS E 23 -8.27 48.79 4.81
CA LYS E 23 -8.36 48.26 6.17
C LYS E 23 -7.99 46.78 6.20
N GLY E 24 -7.66 46.32 7.40
CA GLY E 24 -7.32 44.93 7.66
C GLY E 24 -6.13 44.47 6.85
N LEU E 25 -6.11 43.16 6.58
CA LEU E 25 -5.04 42.58 5.76
C LEU E 25 -5.26 42.95 4.30
N GLN E 26 -4.18 43.39 3.65
CA GLN E 26 -4.27 44.01 2.32
C GLN E 26 -3.93 43.07 1.19
N SER E 27 -2.75 42.45 1.22
CA SER E 27 -2.29 41.55 0.18
C SER E 27 -2.22 40.13 0.69
N LEU E 28 -2.59 39.17 -0.16
CA LEU E 28 -2.54 37.75 0.20
C LEU E 28 -1.81 37.01 -0.91
N THR E 29 -0.55 36.66 -0.66
CA THR E 29 0.25 35.97 -1.67
C THR E 29 -0.26 34.55 -1.86
N LEU E 30 -0.58 34.20 -3.11
CA LEU E 30 -1.08 32.88 -3.45
C LEU E 30 0.10 31.97 -3.79
N ASP E 31 0.40 31.04 -2.88
CA ASP E 31 1.49 30.08 -3.08
C ASP E 31 0.98 28.65 -3.06
N GLN E 32 0.29 28.23 -1.99
CA GLN E 32 -0.25 26.88 -1.91
C GLN E 32 -1.52 26.70 -2.72
N SER E 33 -2.24 27.79 -3.04
CA SER E 33 -3.46 27.68 -3.83
C SER E 33 -3.17 27.44 -5.30
N VAL E 34 -2.07 27.97 -5.82
CA VAL E 34 -1.70 27.86 -7.22
C VAL E 34 -0.27 27.34 -7.28
N ARG E 35 -0.10 26.12 -7.79
CA ARG E 35 1.25 25.60 -7.98
C ARG E 35 1.91 26.26 -9.19
N LYS E 36 3.23 26.15 -9.25
CA LYS E 36 3.99 26.85 -10.27
C LYS E 36 3.69 26.38 -11.69
N ASN E 37 3.21 25.15 -11.84
CA ASN E 37 2.93 24.62 -13.17
C ASN E 37 1.50 24.91 -13.66
N GLU E 38 0.60 25.29 -12.77
CA GLU E 38 -0.81 25.43 -13.10
C GLU E 38 -1.26 26.89 -12.92
N LYS E 39 -2.50 27.16 -13.32
CA LYS E 39 -3.09 28.48 -13.24
C LYS E 39 -4.48 28.38 -12.63
N LEU E 40 -4.91 29.45 -11.95
CA LEU E 40 -6.18 29.47 -11.25
C LEU E 40 -7.03 30.65 -11.70
N LYS E 41 -8.27 30.37 -12.11
CA LYS E 41 -9.21 31.42 -12.51
C LYS E 41 -10.18 31.70 -11.38
N LEU E 42 -10.37 32.98 -11.07
CA LEU E 42 -11.31 33.41 -10.04
C LEU E 42 -12.36 34.33 -10.66
N ALA E 43 -13.62 34.09 -10.34
CA ALA E 43 -14.71 34.89 -10.89
C ALA E 43 -15.74 35.17 -9.81
N ALA E 44 -16.21 36.40 -9.77
CA ALA E 44 -17.25 36.84 -8.83
C ALA E 44 -17.71 38.24 -9.21
N GLN E 45 -19.00 38.50 -8.98
CA GLN E 45 -19.60 39.81 -9.22
C GLN E 45 -19.28 40.33 -10.62
N GLY E 46 -19.37 39.44 -11.61
CA GLY E 46 -19.14 39.83 -12.99
C GLY E 46 -17.70 40.04 -13.38
N ALA E 47 -16.75 39.69 -12.51
CA ALA E 47 -15.34 39.84 -12.82
C ALA E 47 -14.67 38.47 -12.81
N GLU E 48 -13.52 38.39 -13.50
CA GLU E 48 -12.73 37.17 -13.54
C GLU E 48 -11.27 37.54 -13.81
N LYS E 49 -10.37 36.99 -13.00
CA LYS E 49 -8.95 37.22 -13.15
C LYS E 49 -8.20 35.89 -13.08
N THR E 50 -7.11 35.83 -13.84
CA THR E 50 -6.27 34.63 -13.92
C THR E 50 -5.01 34.86 -13.08
N TYR E 51 -4.86 34.08 -12.03
CA TYR E 51 -3.71 34.15 -11.14
C TYR E 51 -2.77 32.98 -11.38
N GLY E 52 -1.49 33.26 -11.33
CA GLY E 52 -0.45 32.25 -11.36
C GLY E 52 0.13 32.00 -9.98
N ASN E 53 1.37 31.54 -9.94
CA ASN E 53 2.07 31.31 -8.68
C ASN E 53 2.82 32.56 -8.26
N GLY E 54 2.76 32.88 -6.96
CA GLY E 54 3.38 34.06 -6.43
C GLY E 54 2.58 35.33 -6.58
N ASP E 55 1.55 35.34 -7.42
CA ASP E 55 0.71 36.52 -7.59
C ASP E 55 -0.08 36.80 -6.32
N SER E 56 -0.30 38.08 -6.04
CA SER E 56 -0.97 38.50 -4.83
C SER E 56 -2.44 38.80 -5.10
N LEU E 57 -3.29 38.42 -4.15
CA LEU E 57 -4.72 38.72 -4.19
C LEU E 57 -5.00 39.92 -3.31
N ASN E 58 -5.72 40.90 -3.85
CA ASN E 58 -6.05 42.12 -3.13
C ASN E 58 -7.22 41.86 -2.20
N THR E 59 -6.91 41.40 -0.98
CA THR E 59 -7.94 41.16 0.02
C THR E 59 -8.33 42.41 0.79
N GLY E 60 -7.63 43.54 0.57
CA GLY E 60 -7.99 44.77 1.25
C GLY E 60 -9.41 45.22 0.92
N LYS E 61 -9.92 44.82 -0.24
CA LYS E 61 -11.27 45.17 -0.64
C LYS E 61 -12.32 44.23 -0.05
N LEU E 62 -11.90 43.12 0.56
CA LEU E 62 -12.84 42.17 1.14
C LEU E 62 -13.22 42.60 2.56
N LYS E 63 -14.33 42.04 3.04
CA LYS E 63 -14.78 42.32 4.40
C LYS E 63 -14.05 41.43 5.39
N ASN E 64 -13.77 41.98 6.57
CA ASN E 64 -13.04 41.25 7.59
C ASN E 64 -13.97 40.33 8.38
N ASP E 65 -13.38 39.23 8.88
CA ASP E 65 -14.06 38.29 9.75
C ASP E 65 -15.27 37.65 9.09
N LYS E 66 -15.26 37.56 7.76
CA LYS E 66 -16.34 36.93 7.01
C LYS E 66 -15.74 36.11 5.88
N VAL E 67 -16.54 35.21 5.34
CA VAL E 67 -16.11 34.30 4.29
C VAL E 67 -16.55 34.87 2.94
N SER E 68 -15.58 35.36 2.17
CA SER E 68 -15.84 35.85 0.82
C SER E 68 -15.71 34.70 -0.17
N ARG E 69 -16.76 34.48 -0.96
CA ARG E 69 -16.87 33.30 -1.82
C ARG E 69 -16.72 33.70 -3.28
N PHE E 70 -15.95 32.88 -4.01
CA PHE E 70 -15.68 33.07 -5.43
C PHE E 70 -15.97 31.77 -6.17
N ASP E 71 -15.87 31.84 -7.49
CA ASP E 71 -15.94 30.65 -8.33
C ASP E 71 -14.56 30.44 -8.95
N PHE E 72 -13.92 29.33 -8.60
CA PHE E 72 -12.57 29.04 -9.03
C PHE E 72 -12.57 27.95 -10.09
N ILE E 73 -11.60 28.02 -11.00
CA ILE E 73 -11.41 27.02 -12.04
C ILE E 73 -9.91 26.74 -12.11
N ARG E 74 -9.52 25.53 -11.72
CA ARG E 74 -8.12 25.12 -11.73
C ARG E 74 -7.79 24.58 -13.12
N GLN E 75 -6.90 25.27 -13.83
CA GLN E 75 -6.34 24.80 -15.08
C GLN E 75 -4.87 24.49 -14.88
N ILE E 76 -4.30 23.74 -15.83
CA ILE E 76 -2.88 23.39 -15.79
C ILE E 76 -2.27 23.73 -17.14
N GLU E 77 -1.05 24.25 -17.12
CA GLU E 77 -0.35 24.67 -18.34
C GLU E 77 0.53 23.52 -18.79
N VAL E 78 0.09 22.81 -19.83
CA VAL E 78 0.85 21.73 -20.43
C VAL E 78 1.27 22.18 -21.82
N ASP E 79 2.58 22.25 -22.04
CA ASP E 79 3.16 22.77 -23.29
C ASP E 79 2.76 24.21 -23.51
N GLY E 80 1.81 24.45 -24.42
CA GLY E 80 1.39 25.80 -24.73
C GLY E 80 -0.02 26.12 -24.29
N GLN E 81 -0.89 25.12 -24.32
CA GLN E 81 -2.30 25.31 -24.00
C GLN E 81 -2.62 24.81 -22.59
N LEU E 82 -3.67 25.38 -22.01
CA LEU E 82 -4.10 25.03 -20.67
C LEU E 82 -5.27 24.07 -20.72
N ILE E 83 -5.31 23.16 -19.74
CA ILE E 83 -6.37 22.17 -19.60
C ILE E 83 -7.05 22.34 -18.26
N THR E 84 -8.37 22.49 -18.28
CA THR E 84 -9.15 22.69 -17.07
C THR E 84 -9.20 21.38 -16.27
N LEU E 85 -8.63 21.41 -15.06
CA LEU E 85 -8.65 20.25 -14.18
C LEU E 85 -9.79 20.25 -13.18
N GLU E 86 -10.19 21.43 -12.68
CA GLU E 86 -11.11 21.47 -11.55
C GLU E 86 -11.93 22.75 -11.62
N SER E 87 -13.02 22.77 -10.84
CA SER E 87 -13.83 23.97 -10.73
C SER E 87 -14.75 23.84 -9.52
N GLY E 88 -15.12 24.98 -8.96
CA GLY E 88 -16.00 25.02 -7.80
C GLY E 88 -16.02 26.36 -7.11
N GLU E 89 -16.10 26.35 -5.78
CA GLU E 89 -16.15 27.57 -4.98
C GLU E 89 -14.81 27.77 -4.27
N PHE E 90 -14.39 29.03 -4.17
CA PHE E 90 -13.12 29.41 -3.57
C PHE E 90 -13.40 30.38 -2.42
N GLN E 91 -13.19 29.93 -1.19
CA GLN E 91 -13.52 30.69 -0.01
C GLN E 91 -12.28 31.38 0.55
N VAL E 92 -12.46 32.63 1.01
CA VAL E 92 -11.39 33.43 1.59
C VAL E 92 -11.90 34.02 2.89
N TYR E 93 -11.20 33.73 4.00
CA TYR E 93 -11.52 34.33 5.29
C TYR E 93 -10.44 35.35 5.61
N LYS E 94 -10.86 36.59 5.86
CA LYS E 94 -9.93 37.70 6.04
C LYS E 94 -9.99 38.22 7.47
N GLN E 95 -8.83 38.48 8.05
CA GLN E 95 -8.73 39.14 9.34
C GLN E 95 -7.82 40.36 9.22
N SER E 96 -7.46 40.97 10.34
CA SER E 96 -6.66 42.19 10.29
C SER E 96 -5.21 41.90 9.93
N HIS E 97 -4.64 40.83 10.49
CA HIS E 97 -3.25 40.51 10.28
C HIS E 97 -3.00 39.13 9.64
N SER E 98 -4.06 38.41 9.27
CA SER E 98 -3.89 37.11 8.65
C SER E 98 -5.10 36.79 7.78
N ALA E 99 -4.93 35.82 6.89
CA ALA E 99 -6.00 35.38 6.01
C ALA E 99 -5.69 33.98 5.52
N LEU E 100 -6.74 33.22 5.21
CA LEU E 100 -6.61 31.86 4.71
C LEU E 100 -7.60 31.63 3.58
N THR E 101 -7.30 30.64 2.75
CA THR E 101 -8.13 30.29 1.61
C THR E 101 -8.60 28.84 1.71
N ALA E 102 -9.71 28.55 1.06
CA ALA E 102 -10.30 27.22 1.06
C ALA E 102 -10.84 26.89 -0.32
N PHE E 103 -10.77 25.61 -0.68
CA PHE E 103 -11.25 25.11 -1.96
C PHE E 103 -12.41 24.14 -1.71
N GLN E 104 -13.57 24.47 -2.24
CA GLN E 104 -14.74 23.60 -2.21
C GLN E 104 -14.93 23.04 -3.62
N THR E 105 -14.34 21.89 -3.87
CA THR E 105 -14.37 21.30 -5.21
C THR E 105 -15.76 20.78 -5.53
N GLU E 106 -16.31 21.23 -6.66
CA GLU E 106 -17.62 20.79 -7.13
C GLU E 106 -17.54 19.94 -8.40
N GLN E 107 -16.77 20.38 -9.39
CA GLN E 107 -16.63 19.67 -10.66
C GLN E 107 -15.17 19.38 -10.95
N ILE E 108 -14.94 18.24 -11.59
CA ILE E 108 -13.60 17.83 -12.04
C ILE E 108 -13.73 17.28 -13.45
N GLN E 109 -12.65 16.72 -13.97
CA GLN E 109 -12.65 16.14 -15.31
C GLN E 109 -12.74 14.62 -15.23
N ASP E 110 -13.34 14.03 -16.25
CA ASP E 110 -13.44 12.57 -16.35
C ASP E 110 -12.05 11.95 -16.47
N LYS E 116 -14.37 14.74 -20.40
CA LYS E 116 -15.65 15.25 -19.96
C LYS E 116 -15.60 15.63 -18.48
N MET E 117 -16.70 16.20 -17.98
CA MET E 117 -16.76 16.71 -16.61
C MET E 117 -17.67 15.82 -15.76
N VAL E 118 -17.21 15.51 -14.55
CA VAL E 118 -17.98 14.73 -13.58
C VAL E 118 -18.02 15.52 -12.27
N ALA E 119 -19.17 15.48 -11.60
CA ALA E 119 -19.39 16.23 -10.37
C ALA E 119 -18.94 15.40 -9.16
N LYS E 120 -17.96 15.90 -8.43
CA LYS E 120 -17.52 15.29 -7.18
C LYS E 120 -17.14 16.41 -6.22
N ARG E 121 -17.61 16.32 -4.98
CA ARG E 121 -17.46 17.39 -4.01
C ARG E 121 -16.34 17.08 -3.02
N GLN E 122 -15.47 18.06 -2.79
CA GLN E 122 -14.38 17.94 -1.84
C GLN E 122 -14.21 19.28 -1.12
N PHE E 123 -13.37 19.27 -0.09
CA PHE E 123 -13.08 20.48 0.69
C PHE E 123 -11.65 20.38 1.21
N ARG E 124 -10.81 21.35 0.82
CA ARG E 124 -9.40 21.33 1.19
C ARG E 124 -8.95 22.74 1.51
N ILE E 125 -8.26 22.91 2.63
CA ILE E 125 -7.78 24.24 3.03
C ILE E 125 -6.60 24.63 2.17
N GLY E 126 -6.62 25.86 1.65
CA GLY E 126 -5.55 26.35 0.81
C GLY E 126 -4.46 27.08 1.55
N ASP E 127 -4.13 28.29 1.09
CA ASP E 127 -3.09 29.09 1.70
C ASP E 127 -3.51 29.58 3.08
N ILE E 128 -2.53 29.74 3.97
CA ILE E 128 -2.72 30.37 5.26
C ILE E 128 -1.56 31.33 5.49
N ALA E 129 -1.78 32.62 5.25
CA ALA E 129 -0.72 33.61 5.28
C ALA E 129 -1.12 34.77 6.19
N GLY E 130 -0.22 35.72 6.33
CA GLY E 130 -0.44 36.87 7.19
C GLY E 130 0.88 37.39 7.72
N GLU E 131 0.78 38.14 8.81
CA GLU E 131 1.96 38.71 9.49
C GLU E 131 2.35 37.75 10.61
N HIS E 132 3.23 36.80 10.29
CA HIS E 132 3.66 35.82 11.28
C HIS E 132 4.46 36.47 12.39
N THR E 133 4.22 36.04 13.62
CA THR E 133 4.97 36.49 14.78
C THR E 133 6.24 35.65 14.91
N SER E 134 7.39 36.32 14.97
CA SER E 134 8.66 35.62 15.11
C SER E 134 8.71 34.89 16.45
N PHE E 135 9.19 33.65 16.42
CA PHE E 135 9.27 32.85 17.65
C PHE E 135 10.24 33.46 18.65
N ASP E 136 11.26 34.18 18.18
CA ASP E 136 12.21 34.83 19.07
C ASP E 136 11.67 36.12 19.67
N LYS E 137 10.56 36.64 19.14
CA LYS E 137 9.98 37.89 19.61
C LYS E 137 8.63 37.68 20.29
N LEU E 138 8.32 36.44 20.69
CA LEU E 138 7.05 36.16 21.33
C LEU E 138 6.98 36.81 22.71
N PRO E 139 5.77 37.15 23.16
CA PRO E 139 5.62 37.65 24.54
C PRO E 139 5.98 36.57 25.54
N GLU E 140 6.67 36.98 26.60
CA GLU E 140 7.17 36.06 27.61
C GLU E 140 6.19 35.81 28.74
N GLY E 141 4.99 36.38 28.68
CA GLY E 141 4.01 36.15 29.72
C GLY E 141 2.65 36.65 29.31
N GLY E 142 1.66 36.30 30.11
CA GLY E 142 0.30 36.75 29.92
C GLY E 142 -0.55 35.70 29.24
N ARG E 143 -1.85 35.73 29.53
CA ARG E 143 -2.83 34.84 28.91
C ARG E 143 -3.67 35.63 27.92
N ALA E 144 -3.90 35.03 26.75
CA ALA E 144 -4.68 35.66 25.69
C ALA E 144 -5.73 34.69 25.19
N THR E 145 -6.99 35.14 25.16
CA THR E 145 -8.10 34.34 24.66
C THR E 145 -8.51 34.85 23.29
N TYR E 146 -8.50 33.96 22.30
CA TYR E 146 -8.87 34.30 20.93
C TYR E 146 -10.18 33.64 20.57
N ARG E 147 -11.08 34.42 19.97
CA ARG E 147 -12.35 33.91 19.48
C ARG E 147 -12.49 34.26 18.00
N GLY E 148 -13.14 33.37 17.26
CA GLY E 148 -13.30 33.59 15.85
C GLY E 148 -14.17 32.56 15.17
N THR E 149 -13.96 32.36 13.88
CA THR E 149 -14.77 31.46 13.07
C THR E 149 -13.99 30.19 12.76
N ALA E 150 -14.68 29.05 12.90
CA ALA E 150 -14.22 27.77 12.41
C ALA E 150 -15.22 27.30 11.37
N PHE E 151 -14.75 27.09 10.14
CA PHE E 151 -15.62 26.81 9.01
C PHE E 151 -15.17 25.55 8.29
N GLY E 152 -16.14 24.72 7.91
CA GLY E 152 -15.86 23.52 7.16
C GLY E 152 -16.54 23.52 5.81
N SER E 153 -16.82 22.32 5.28
CA SER E 153 -17.48 22.21 3.99
C SER E 153 -18.95 22.58 4.14
N ASP E 154 -19.39 23.58 3.35
CA ASP E 154 -20.78 24.04 3.33
C ASP E 154 -21.26 24.54 4.69
N ASP E 155 -20.34 24.94 5.57
CA ASP E 155 -20.71 25.43 6.89
C ASP E 155 -19.66 26.42 7.35
N ALA E 156 -20.04 27.70 7.44
CA ALA E 156 -19.15 28.76 7.92
C ALA E 156 -19.58 29.30 9.28
N GLY E 157 -20.54 28.66 9.94
CA GLY E 157 -21.05 29.16 11.20
C GLY E 157 -20.33 28.63 12.43
N GLY E 158 -19.15 28.05 12.24
CA GLY E 158 -18.41 27.54 13.38
C GLY E 158 -17.80 28.65 14.20
N LYS E 159 -17.76 28.45 15.52
CA LYS E 159 -17.14 29.38 16.45
C LYS E 159 -15.96 28.69 17.11
N LEU E 160 -14.81 29.35 17.10
CA LEU E 160 -13.58 28.81 17.67
C LEU E 160 -13.18 29.66 18.87
N THR E 161 -12.83 28.98 19.97
CA THR E 161 -12.36 29.64 21.19
C THR E 161 -11.08 28.97 21.64
N TYR E 162 -9.95 29.62 21.40
CA TYR E 162 -8.63 29.06 21.68
C TYR E 162 -7.89 30.00 22.60
N THR E 163 -7.44 29.49 23.74
CA THR E 163 -6.71 30.27 24.73
C THR E 163 -5.24 29.87 24.72
N ILE E 164 -4.36 30.87 24.83
CA ILE E 164 -2.92 30.68 24.80
C ILE E 164 -2.32 31.30 26.05
N ASP E 165 -1.56 30.50 26.79
CA ASP E 165 -0.76 30.98 27.91
C ASP E 165 0.69 31.08 27.47
N PHE E 166 1.22 32.31 27.42
CA PHE E 166 2.58 32.54 26.96
C PHE E 166 3.63 32.28 28.03
N ALA E 167 3.24 32.26 29.30
CA ALA E 167 4.19 31.94 30.37
C ALA E 167 4.62 30.48 30.27
N ALA E 168 3.68 29.57 30.04
CA ALA E 168 3.98 28.16 29.84
C ALA E 168 4.08 27.79 28.37
N LYS E 169 3.77 28.72 27.47
CA LYS E 169 3.79 28.47 26.02
C LYS E 169 2.90 27.30 25.63
N GLN E 170 1.64 27.36 26.05
CA GLN E 170 0.67 26.32 25.75
C GLN E 170 -0.62 26.96 25.23
N GLY E 171 -1.53 26.12 24.76
CA GLY E 171 -2.80 26.60 24.27
C GLY E 171 -3.82 25.51 24.04
N ASN E 172 -5.08 25.76 24.39
CA ASN E 172 -6.15 24.80 24.22
C ASN E 172 -7.40 25.52 23.75
N GLY E 173 -8.18 24.86 22.89
CA GLY E 173 -9.32 25.50 22.26
C GLY E 173 -10.53 24.57 22.21
N LYS E 174 -11.58 25.09 21.57
CA LYS E 174 -12.85 24.38 21.45
C LYS E 174 -13.58 24.92 20.24
N ILE E 175 -14.23 24.02 19.50
CA ILE E 175 -14.98 24.37 18.30
C ILE E 175 -16.46 24.07 18.57
N GLU E 176 -17.32 25.01 18.18
CA GLU E 176 -18.74 24.91 18.47
C GLU E 176 -19.54 25.35 17.25
N HIS E 177 -20.83 25.03 17.27
CA HIS E 177 -21.81 25.54 16.31
C HIS E 177 -21.53 25.08 14.88
N LEU E 178 -20.90 23.92 14.73
CA LEU E 178 -20.77 23.32 13.41
C LEU E 178 -21.95 22.40 13.12
N LYS E 179 -22.33 22.34 11.84
CA LYS E 179 -23.48 21.53 11.46
C LYS E 179 -23.20 20.04 11.68
N SER E 180 -22.00 19.59 11.34
CA SER E 180 -21.62 18.20 11.57
C SER E 180 -21.30 18.01 13.05
N PRO E 181 -21.99 17.11 13.76
CA PRO E 181 -21.71 16.96 15.19
C PRO E 181 -20.36 16.36 15.50
N GLU E 182 -19.80 15.55 14.59
CA GLU E 182 -18.49 14.95 14.82
C GLU E 182 -17.35 15.94 14.67
N LEU E 183 -17.61 17.15 14.18
CA LEU E 183 -16.56 18.15 14.00
C LEU E 183 -16.45 19.14 15.14
N ASN E 184 -17.41 19.16 16.06
CA ASN E 184 -17.34 20.01 17.25
C ASN E 184 -16.41 19.33 18.26
N VAL E 185 -15.13 19.66 18.17
CA VAL E 185 -14.09 18.95 18.90
C VAL E 185 -13.39 19.92 19.85
N ASP E 186 -12.59 19.35 20.74
CA ASP E 186 -11.73 20.11 21.65
C ASP E 186 -10.29 20.04 21.15
N LEU E 187 -9.63 21.19 21.09
CA LEU E 187 -8.24 21.27 20.64
C LEU E 187 -7.33 20.98 21.83
N ALA E 188 -6.63 19.84 21.78
CA ALA E 188 -5.78 19.42 22.89
C ALA E 188 -4.65 20.42 23.11
N ALA E 189 -4.24 20.55 24.37
CA ALA E 189 -3.17 21.48 24.72
C ALA E 189 -1.86 21.06 24.05
N ALA E 190 -1.24 21.99 23.35
CA ALA E 190 0.00 21.72 22.64
C ALA E 190 0.96 22.88 22.87
N ASP E 191 2.25 22.58 22.74
CA ASP E 191 3.29 23.58 22.97
C ASP E 191 3.50 24.44 21.73
N ILE E 192 3.95 25.67 21.96
CA ILE E 192 4.29 26.59 20.88
C ILE E 192 5.73 26.33 20.45
N LYS E 193 5.92 26.09 19.16
CA LYS E 193 7.22 25.78 18.60
C LYS E 193 7.46 26.61 17.35
N PRO E 194 8.73 26.83 16.99
CA PRO E 194 9.04 27.47 15.72
C PRO E 194 9.14 26.47 14.58
N ASP E 195 8.87 26.96 13.38
CA ASP E 195 8.94 26.17 12.16
C ASP E 195 10.29 26.42 11.48
N GLY E 196 10.36 26.17 10.17
CA GLY E 196 11.60 26.37 9.44
C GLY E 196 12.04 27.82 9.42
N LYS E 197 11.11 28.73 9.18
CA LYS E 197 11.40 30.15 9.17
C LYS E 197 11.24 30.78 10.56
N ARG E 198 11.13 29.96 11.60
CA ARG E 198 11.04 30.42 12.99
C ARG E 198 9.79 31.27 13.25
N HIS E 199 8.69 30.88 12.62
CA HIS E 199 7.39 31.45 12.93
C HIS E 199 6.75 30.68 14.08
N ALA E 200 5.88 31.36 14.82
CA ALA E 200 5.22 30.75 15.97
C ALA E 200 4.07 29.86 15.49
N VAL E 201 4.26 28.54 15.58
CA VAL E 201 3.27 27.57 15.15
C VAL E 201 2.97 26.63 16.30
N ILE E 202 1.79 25.99 16.23
CA ILE E 202 1.32 25.05 17.24
C ILE E 202 0.75 23.82 16.54
N SER E 203 1.21 22.65 16.93
CA SER E 203 0.71 21.38 16.39
C SER E 203 0.25 20.51 17.55
N GLY E 204 -1.02 20.10 17.53
CA GLY E 204 -1.59 19.33 18.61
C GLY E 204 -2.60 18.34 18.11
N SER E 205 -3.17 17.58 19.06
CA SER E 205 -4.15 16.56 18.75
C SER E 205 -5.57 17.13 18.81
N VAL E 206 -6.48 16.42 18.16
CA VAL E 206 -7.90 16.79 18.12
C VAL E 206 -8.67 15.67 18.82
N LEU E 207 -9.38 16.04 19.88
CA LEU E 207 -10.11 15.09 20.72
C LEU E 207 -11.60 15.37 20.64
N TYR E 208 -12.40 14.30 20.67
CA TYR E 208 -13.86 14.41 20.68
C TYR E 208 -14.37 13.37 21.66
N ASN E 209 -15.05 13.82 22.71
CA ASN E 209 -15.51 12.96 23.80
C ASN E 209 -14.34 12.17 24.39
N GLN E 210 -13.25 12.88 24.66
CA GLN E 210 -12.04 12.31 25.26
C GLN E 210 -11.46 11.18 24.40
N ALA E 211 -11.65 11.26 23.09
CA ALA E 211 -11.14 10.26 22.15
C ALA E 211 -10.33 10.97 21.08
N GLU E 212 -9.13 10.48 20.81
CA GLU E 212 -8.23 11.09 19.84
C GLU E 212 -8.80 10.91 18.43
N LYS E 213 -9.24 12.02 17.82
CA LYS E 213 -9.91 11.98 16.53
C LYS E 213 -9.11 12.59 15.39
N GLY E 214 -8.15 13.48 15.67
CA GLY E 214 -7.40 14.08 14.59
C GLY E 214 -6.21 14.93 15.02
N SER E 215 -5.91 15.96 14.23
CA SER E 215 -4.79 16.86 14.52
C SER E 215 -5.17 18.28 14.14
N TYR E 216 -4.43 19.24 14.65
CA TYR E 216 -4.68 20.64 14.32
C TYR E 216 -3.39 21.43 14.43
N SER E 217 -3.26 22.45 13.57
CA SER E 217 -2.10 23.31 13.55
C SER E 217 -2.56 24.76 13.41
N LEU E 218 -2.03 25.64 14.27
CA LEU E 218 -2.40 27.04 14.28
C LEU E 218 -1.16 27.91 14.22
N GLY E 219 -1.20 28.93 13.38
CA GLY E 219 -0.15 29.92 13.28
C GLY E 219 -0.50 31.17 14.06
N ILE E 220 0.51 31.79 14.65
CA ILE E 220 0.35 33.00 15.45
C ILE E 220 0.69 34.21 14.59
N PHE E 221 -0.17 35.23 14.62
CA PHE E 221 -0.04 36.41 13.79
C PHE E 221 -0.22 37.67 14.62
N GLY E 222 0.54 38.70 14.29
CA GLY E 222 0.47 39.96 14.99
C GLY E 222 1.49 40.93 14.43
N TYR E 223 1.43 42.16 14.93
CA TYR E 223 2.31 43.23 14.50
C TYR E 223 3.42 43.47 15.52
N TYR E 224 4.39 44.30 15.11
CA TYR E 224 5.49 44.68 15.99
C TYR E 224 6.09 45.99 15.50
N THR E 225 6.86 46.63 16.37
CA THR E 225 7.46 47.93 16.08
C THR E 225 8.89 47.94 16.61
N LYS E 226 9.68 48.90 16.13
CA LYS E 226 11.05 49.10 16.59
C LYS E 226 11.29 50.60 16.73
N ASP E 227 12.54 50.98 16.95
CA ASP E 227 12.94 52.37 17.03
C ASP E 227 14.00 52.67 15.96
N THR E 228 14.67 53.81 16.10
CA THR E 228 15.68 54.21 15.12
C THR E 228 16.90 53.31 15.18
N ASN E 229 17.44 53.09 16.38
CA ASN E 229 18.72 52.39 16.52
C ASN E 229 18.56 50.88 16.59
N ASN E 230 17.55 50.35 15.89
CA ASN E 230 17.37 48.91 15.72
C ASN E 230 17.23 48.18 17.06
N ASN E 231 16.21 48.59 17.82
CA ASN E 231 15.90 47.96 19.09
C ASN E 231 14.42 47.57 19.11
N LEU E 232 14.15 46.32 19.48
CA LEU E 232 12.77 45.84 19.55
C LEU E 232 12.08 46.45 20.76
N THR E 233 10.89 46.99 20.57
CA THR E 233 10.19 47.65 21.66
C THR E 233 8.80 47.09 21.93
N LEU E 234 7.97 46.93 20.89
CA LEU E 234 6.60 46.48 21.07
C LEU E 234 6.30 45.31 20.16
N VAL E 235 5.72 44.25 20.74
CA VAL E 235 5.29 43.07 19.99
C VAL E 235 3.96 42.62 20.56
N LYS E 236 2.98 42.39 19.68
CA LYS E 236 1.70 41.84 20.07
C LYS E 236 1.30 40.72 19.13
N ALA E 237 0.72 39.67 19.68
CA ALA E 237 0.19 38.53 18.92
C ALA E 237 -1.34 38.57 19.05
N GLN E 238 -1.98 39.21 18.08
CA GLN E 238 -3.40 39.50 18.20
C GLN E 238 -4.30 38.47 17.52
N GLU E 239 -3.78 37.66 16.61
CA GLU E 239 -4.61 36.72 15.88
C GLU E 239 -3.93 35.37 15.77
N VAL E 240 -4.73 34.34 15.50
CA VAL E 240 -4.25 33.00 15.21
C VAL E 240 -5.08 32.42 14.08
N ALA E 241 -4.44 31.66 13.19
CA ALA E 241 -5.13 31.10 12.04
C ALA E 241 -4.47 29.81 11.62
N GLY E 242 -5.26 28.76 11.40
CA GLY E 242 -4.73 27.47 11.01
C GLY E 242 -5.77 26.52 10.46
N SER E 243 -5.54 25.22 10.59
CA SER E 243 -6.45 24.22 10.05
C SER E 243 -6.43 22.99 10.94
N ALA E 244 -7.36 22.08 10.69
CA ALA E 244 -7.49 20.86 11.46
C ALA E 244 -8.01 19.74 10.58
N GLU E 245 -7.56 18.53 10.87
CA GLU E 245 -8.00 17.31 10.20
C GLU E 245 -8.65 16.41 11.22
N VAL E 246 -9.94 16.10 11.01
CA VAL E 246 -10.73 15.31 11.95
C VAL E 246 -11.19 14.02 11.25
N LYS E 247 -11.06 12.90 11.95
CA LYS E 247 -11.50 11.61 11.44
C LYS E 247 -12.99 11.42 11.72
N THR E 248 -13.75 11.14 10.67
CA THR E 248 -15.18 10.86 10.78
C THR E 248 -15.50 9.52 10.17
N VAL E 249 -16.70 9.03 10.46
CA VAL E 249 -17.15 7.75 9.91
C VAL E 249 -17.22 7.78 8.39
N ASN E 250 -17.31 8.97 7.79
CA ASN E 250 -17.34 9.11 6.34
C ASN E 250 -15.98 9.49 5.77
N GLY E 251 -14.93 9.46 6.57
CA GLY E 251 -13.59 9.78 6.12
C GLY E 251 -13.05 11.00 6.84
N ILE E 252 -11.90 11.46 6.35
CA ILE E 252 -11.22 12.61 6.95
C ILE E 252 -11.85 13.90 6.44
N ARG E 253 -12.05 14.85 7.35
CA ARG E 253 -12.62 16.15 7.03
C ARG E 253 -11.66 17.25 7.46
N HIS E 254 -11.57 18.30 6.65
CA HIS E 254 -10.73 19.45 6.93
C HIS E 254 -11.57 20.60 7.45
N ILE E 255 -10.99 21.37 8.37
CA ILE E 255 -11.67 22.51 8.98
C ILE E 255 -10.71 23.68 9.03
N GLY E 256 -11.16 24.83 8.53
CA GLY E 256 -10.39 26.07 8.62
C GLY E 256 -10.69 26.80 9.92
N LEU E 257 -9.63 27.31 10.55
CA LEU E 257 -9.70 27.92 11.87
C LEU E 257 -9.14 29.32 11.81
N ALA E 258 -9.87 30.28 12.39
CA ALA E 258 -9.40 31.65 12.50
C ALA E 258 -9.95 32.26 13.77
N ALA E 259 -9.12 33.03 14.47
CA ALA E 259 -9.53 33.65 15.72
C ALA E 259 -8.71 34.90 15.96
N LYS E 260 -9.29 35.84 16.69
CA LYS E 260 -8.64 37.11 16.98
C LYS E 260 -8.98 37.53 18.41
N GLN E 261 -8.37 38.63 18.83
CA GLN E 261 -8.67 39.27 20.10
C GLN E 261 -9.75 40.33 19.93
N LEU E 262 -10.38 40.68 21.05
CA LEU E 262 -11.40 41.73 21.05
C LEU E 262 -10.75 43.11 21.19
#